data_5GXX
#
_entry.id   5GXX
#
_cell.length_a   108.588
_cell.length_b   109.093
_cell.length_c   140.222
_cell.angle_alpha   90.00
_cell.angle_beta   90.00
_cell.angle_gamma   90.00
#
_symmetry.space_group_name_H-M   'P 21 21 21'
#
loop_
_entity.id
_entity.type
_entity.pdbx_description
1 polymer Glucanase
2 non-polymer 'CALCIUM ION'
3 non-polymer 'CHLORIDE ION'
4 non-polymer 2-AMINO-2-HYDROXYMETHYL-PROPANE-1,3-DIOL
5 water water
#
_entity_poly.entity_id   1
_entity_poly.type   'polypeptide(L)'
_entity_poly.pdbx_seq_one_letter_code
;MAGSYNYAEALQKAIYFYECQQAGPLPEWNRVEWRGDATMNDEVLGGWYDAGDHVKFNLPMAYSAAMLGWALYEYGDDIE
ASGQRLHLERNLAFALDYLVACDRGDSVVYQIGDGAADHKWWGSAEVIEKEMTRPYFVGKGSAVVGQMAAALAVGSIVLK
NDTYLRYAKKYFELADATRSDSTYTAANGFYSSHSGFWDELLWASTWLYLATGDRNYLDKAESYTPKLNRQNQTTDIEYQ
WAHCWDDCHYGAMILLARATGKEEYHKFAQMHLDWWTPQGYNGKRVAYTPGGLAHLDTWGPLRYATTEAFLAFVYADSIN
DPALKQKYYNFAKSQIDYALGSNPDNRSYVVGFGNNPPQRPHHRTAHGTWLDKRDIPEKHRHVLYGALVGGPGRDDSYED
NIEDYVKNEVACDYNAGFVGALCRLTAEYGGTPLANFPPPEQRDDEFFVEAAINQASDHFTEIKALLNNRSSWPARLIKD
LSYNYYMDLTEVFEAGYSVDDIKVTIGYCESGMDVEISPITHLYDNIYYIKISYIDGTNICPIGQEQYAAELQFRIAAPQ
GTKFWDPTNDFSYQGLTRELAKTKYMPVFDGATKIFGEVPGGLEHHHHHH
;
_entity_poly.pdbx_strand_id   A,B
#
loop_
_chem_comp.id
_chem_comp.type
_chem_comp.name
_chem_comp.formula
CA non-polymer 'CALCIUM ION' 'Ca 2'
CL non-polymer 'CHLORIDE ION' 'Cl -1'
TRS non-polymer 2-AMINO-2-HYDROXYMETHYL-PROPANE-1,3-DIOL 'C4 H12 N O3 1'
#
# COMPACT_ATOMS: atom_id res chain seq x y z
N SER A 4 -20.46 48.40 -28.05
CA SER A 4 -19.77 47.27 -28.73
C SER A 4 -20.10 45.93 -28.06
N TYR A 5 -20.35 46.01 -26.76
CA TYR A 5 -20.70 44.86 -25.94
C TYR A 5 -21.74 45.37 -24.97
N ASN A 6 -22.44 44.44 -24.34
CA ASN A 6 -23.31 44.78 -23.23
C ASN A 6 -22.45 44.93 -21.98
N TYR A 7 -21.91 46.12 -21.79
CA TYR A 7 -21.04 46.43 -20.66
C TYR A 7 -21.75 46.30 -19.32
N ALA A 8 -23.06 46.56 -19.29
CA ALA A 8 -23.83 46.36 -18.06
C ALA A 8 -23.85 44.91 -17.62
N GLU A 9 -24.02 43.99 -18.58
CA GLU A 9 -24.00 42.56 -18.27
C GLU A 9 -22.59 42.13 -17.86
N ALA A 10 -21.58 42.62 -18.57
CA ALA A 10 -20.19 42.35 -18.16
C ALA A 10 -19.93 42.82 -16.72
N LEU A 11 -20.38 44.02 -16.40
CA LEU A 11 -20.24 44.54 -15.04
C LEU A 11 -20.95 43.71 -13.99
N GLN A 12 -22.20 43.36 -14.29
CA GLN A 12 -23.01 42.50 -13.44
C GLN A 12 -22.30 41.20 -13.11
N LYS A 13 -21.70 40.59 -14.12
CA LYS A 13 -20.97 39.33 -13.92
C LYS A 13 -19.66 39.54 -13.19
N ALA A 14 -18.94 40.60 -13.57
CA ALA A 14 -17.64 40.90 -12.98
C ALA A 14 -17.72 41.17 -11.48
N ILE A 15 -18.85 41.70 -11.03
CA ILE A 15 -19.10 41.90 -9.60
C ILE A 15 -19.43 40.59 -8.88
N TYR A 16 -20.29 39.80 -9.52
CA TYR A 16 -20.73 38.49 -9.01
C TYR A 16 -19.54 37.60 -8.74
N PHE A 17 -18.49 37.73 -9.57
CA PHE A 17 -17.24 37.01 -9.29
C PHE A 17 -16.83 37.11 -7.81
N TYR A 18 -16.87 38.31 -7.24
CA TYR A 18 -16.43 38.45 -5.85
C TYR A 18 -17.27 37.63 -4.88
N GLU A 19 -18.56 37.42 -5.17
CA GLU A 19 -19.36 36.55 -4.30
C GLU A 19 -18.91 35.08 -4.37
N CYS A 20 -18.38 34.66 -5.52
CA CYS A 20 -17.78 33.34 -5.64
C CYS A 20 -16.53 33.18 -4.77
N GLN A 21 -15.91 34.31 -4.42
CA GLN A 21 -14.65 34.32 -3.68
C GLN A 21 -14.83 34.44 -2.17
N GLN A 22 -16.06 34.59 -1.73
CA GLN A 22 -16.30 34.88 -0.32
C GLN A 22 -15.97 33.73 0.62
N ALA A 23 -15.21 34.05 1.66
CA ALA A 23 -14.95 33.09 2.74
C ALA A 23 -16.07 33.19 3.76
N GLY A 24 -16.25 32.12 4.54
CA GLY A 24 -17.28 32.09 5.56
C GLY A 24 -17.09 33.06 6.71
N PRO A 25 -18.19 33.50 7.33
CA PRO A 25 -19.56 33.14 6.95
C PRO A 25 -20.08 33.97 5.78
N LEU A 26 -20.81 33.33 4.87
CA LEU A 26 -21.34 34.04 3.71
C LEU A 26 -22.45 35.00 4.17
N PRO A 27 -22.58 36.16 3.52
CA PRO A 27 -23.68 37.05 3.84
C PRO A 27 -24.99 36.48 3.30
N GLU A 28 -26.11 36.90 3.89
CA GLU A 28 -27.42 36.38 3.52
C GLU A 28 -27.68 36.56 2.03
N TRP A 29 -27.09 37.60 1.45
CA TRP A 29 -27.36 37.96 0.08
C TRP A 29 -26.45 37.31 -0.96
N ASN A 30 -25.55 36.42 -0.54
CA ASN A 30 -24.70 35.72 -1.50
C ASN A 30 -25.55 34.95 -2.51
N ARG A 31 -25.25 35.11 -3.81
CA ARG A 31 -26.12 34.61 -4.87
C ARG A 31 -25.58 33.34 -5.51
N VAL A 32 -24.60 32.72 -4.88
CA VAL A 32 -23.87 31.63 -5.51
C VAL A 32 -24.30 30.29 -4.92
N GLU A 33 -25.06 29.50 -5.68
CA GLU A 33 -25.73 28.31 -5.16
C GLU A 33 -24.73 27.24 -4.78
N TRP A 34 -23.56 27.26 -5.41
CA TRP A 34 -22.50 26.30 -5.13
C TRP A 34 -21.47 26.79 -4.11
N ARG A 35 -21.76 27.87 -3.38
CA ARG A 35 -20.90 28.29 -2.28
C ARG A 35 -21.67 28.27 -0.97
N GLY A 36 -21.05 27.70 0.06
CA GLY A 36 -21.58 27.76 1.42
C GLY A 36 -20.51 28.31 2.33
N ASP A 37 -20.80 28.43 3.64
CA ASP A 37 -19.80 28.80 4.64
C ASP A 37 -18.59 27.89 4.52
N ALA A 38 -17.42 28.51 4.57
CA ALA A 38 -16.16 27.79 4.42
C ALA A 38 -15.11 28.45 5.30
N THR A 39 -14.09 27.68 5.65
CA THR A 39 -12.96 28.11 6.47
C THR A 39 -13.41 28.84 7.73
N MET A 40 -14.42 28.27 8.40
CA MET A 40 -15.03 28.86 9.57
C MET A 40 -14.11 28.83 10.80
N ASN A 41 -13.02 28.06 10.73
CA ASN A 41 -12.02 28.06 11.81
C ASN A 41 -10.92 29.10 11.62
N ASP A 42 -11.00 29.91 10.57
CA ASP A 42 -9.98 30.92 10.33
C ASP A 42 -9.90 31.93 11.47
N GLU A 43 -8.69 32.44 11.70
CA GLU A 43 -8.46 33.41 12.76
C GLU A 43 -9.24 34.72 12.56
N VAL A 44 -9.34 35.13 11.30
CA VAL A 44 -10.20 36.26 10.93
C VAL A 44 -11.18 35.74 9.87
N LEU A 45 -12.46 35.96 10.12
CA LEU A 45 -13.51 35.44 9.26
C LEU A 45 -13.84 36.38 8.12
N GLY A 46 -14.51 35.85 7.10
CA GLY A 46 -14.92 36.61 5.92
C GLY A 46 -13.78 36.97 4.99
N GLY A 47 -13.97 38.05 4.23
CA GLY A 47 -12.99 38.46 3.22
C GLY A 47 -13.02 37.52 2.03
N TRP A 48 -12.05 37.69 1.12
CA TRP A 48 -12.04 36.92 -0.12
C TRP A 48 -10.89 35.94 -0.19
N TYR A 49 -11.15 34.75 -0.73
CA TYR A 49 -10.05 33.90 -1.22
C TYR A 49 -9.40 34.63 -2.37
N ASP A 50 -8.09 34.51 -2.51
CA ASP A 50 -7.40 35.37 -3.47
C ASP A 50 -7.71 35.06 -4.94
N ALA A 51 -7.63 33.79 -5.30
CA ALA A 51 -7.61 33.43 -6.70
C ALA A 51 -8.41 32.14 -6.81
N GLY A 52 -7.90 31.11 -7.48
CA GLY A 52 -8.58 29.82 -7.51
C GLY A 52 -8.15 28.92 -6.37
N ASP A 53 -7.56 29.58 -5.37
CA ASP A 53 -7.04 28.96 -4.15
C ASP A 53 -7.87 29.39 -2.95
N HIS A 54 -7.36 29.13 -1.75
CA HIS A 54 -8.11 29.46 -0.56
C HIS A 54 -7.33 30.28 0.47
N VAL A 55 -6.25 30.91 0.02
CA VAL A 55 -5.48 31.80 0.88
C VAL A 55 -6.14 33.18 0.91
N LYS A 56 -6.12 33.83 2.08
CA LYS A 56 -6.46 35.24 2.21
C LYS A 56 -5.13 36.00 2.24
N PHE A 57 -4.80 36.63 1.12
CA PHE A 57 -3.57 37.42 0.97
C PHE A 57 -3.96 38.89 1.05
N ASN A 58 -3.68 39.56 2.16
CA ASN A 58 -4.25 40.89 2.38
C ASN A 58 -3.78 41.98 1.42
N LEU A 59 -2.58 41.86 0.87
CA LEU A 59 -2.09 42.91 -0.03
C LEU A 59 -2.96 42.99 -1.29
N PRO A 60 -3.04 41.91 -2.09
CA PRO A 60 -3.97 42.02 -3.23
C PRO A 60 -5.44 42.11 -2.81
N MET A 61 -5.81 41.62 -1.63
CA MET A 61 -7.20 41.71 -1.24
C MET A 61 -7.57 43.16 -1.00
N ALA A 62 -6.71 43.86 -0.26
CA ALA A 62 -6.97 45.26 0.04
C ALA A 62 -6.85 46.09 -1.24
N TYR A 63 -5.90 45.75 -2.12
CA TYR A 63 -5.74 46.47 -3.38
C TYR A 63 -7.05 46.39 -4.14
N SER A 64 -7.57 45.17 -4.21
CA SER A 64 -8.81 44.89 -4.95
C SER A 64 -9.96 45.70 -4.37
N ALA A 65 -10.10 45.67 -3.05
CA ALA A 65 -11.12 46.48 -2.39
C ALA A 65 -10.96 47.98 -2.67
N ALA A 66 -9.73 48.49 -2.61
CA ALA A 66 -9.46 49.89 -2.93
C ALA A 66 -9.91 50.24 -4.34
N MET A 67 -9.63 49.36 -5.29
CA MET A 67 -10.02 49.61 -6.68
C MET A 67 -11.52 49.52 -6.87
N LEU A 68 -12.22 48.63 -6.17
CA LEU A 68 -13.69 48.64 -6.17
C LEU A 68 -14.23 49.95 -5.59
N GLY A 69 -13.57 50.43 -4.54
CA GLY A 69 -13.92 51.73 -3.94
C GLY A 69 -13.71 52.84 -4.95
N TRP A 70 -12.58 52.78 -5.67
CA TRP A 70 -12.25 53.83 -6.64
C TRP A 70 -13.31 53.81 -7.75
N ALA A 71 -13.74 52.63 -8.18
CA ALA A 71 -14.79 52.53 -9.19
C ALA A 71 -16.06 53.28 -8.76
N LEU A 72 -16.46 53.06 -7.51
CA LEU A 72 -17.63 53.73 -6.95
C LEU A 72 -17.39 55.23 -6.82
N TYR A 73 -16.18 55.63 -6.42
CA TYR A 73 -15.82 57.03 -6.23
C TYR A 73 -15.94 57.84 -7.51
N GLU A 74 -15.56 57.22 -8.63
CA GLU A 74 -15.61 57.92 -9.93
C GLU A 74 -16.95 57.84 -10.61
N TYR A 75 -17.57 56.66 -10.55
CA TYR A 75 -18.65 56.31 -11.46
C TYR A 75 -19.89 55.79 -10.75
N GLY A 76 -19.90 55.76 -9.42
CA GLY A 76 -21.04 55.19 -8.67
C GLY A 76 -22.38 55.81 -9.00
N ASP A 77 -22.41 57.14 -9.15
CA ASP A 77 -23.63 57.85 -9.53
C ASP A 77 -24.01 57.64 -10.97
N ASP A 78 -23.03 57.29 -11.79
CA ASP A 78 -23.21 57.27 -13.24
C ASP A 78 -23.72 55.93 -13.78
N ILE A 79 -23.85 54.95 -12.89
CA ILE A 79 -24.18 53.58 -13.28
C ILE A 79 -25.50 53.05 -12.74
N GLU A 80 -26.43 53.93 -12.36
CA GLU A 80 -27.62 53.39 -11.71
C GLU A 80 -28.56 52.61 -12.65
N ALA A 81 -28.51 52.95 -13.93
CA ALA A 81 -29.25 52.23 -14.98
C ALA A 81 -28.82 50.77 -15.14
N SER A 82 -27.54 50.47 -14.95
CA SER A 82 -27.04 49.09 -14.93
C SER A 82 -27.62 48.26 -13.79
N GLY A 83 -28.09 48.93 -12.74
CA GLY A 83 -28.65 48.25 -11.57
C GLY A 83 -27.61 47.58 -10.69
N GLN A 84 -26.34 47.91 -10.92
CA GLN A 84 -25.26 47.23 -10.22
C GLN A 84 -24.65 47.95 -9.01
N ARG A 85 -25.03 49.21 -8.76
CA ARG A 85 -24.45 49.96 -7.66
C ARG A 85 -24.55 49.26 -6.30
N LEU A 86 -25.73 48.77 -5.94
CA LEU A 86 -25.90 48.16 -4.63
C LEU A 86 -25.13 46.84 -4.55
N HIS A 87 -25.11 46.07 -5.63
CA HIS A 87 -24.26 44.88 -5.68
C HIS A 87 -22.79 45.19 -5.42
N LEU A 88 -22.29 46.22 -6.10
CA LEU A 88 -20.89 46.62 -5.93
C LEU A 88 -20.61 47.11 -4.52
N GLU A 89 -21.52 47.92 -3.96
CA GLU A 89 -21.34 48.44 -2.62
C GLU A 89 -21.22 47.38 -1.53
N ARG A 90 -22.17 46.44 -1.50
CA ARG A 90 -22.15 45.42 -0.45
C ARG A 90 -21.04 44.40 -0.66
N ASN A 91 -20.65 44.13 -1.90
CA ASN A 91 -19.47 43.30 -2.13
C ASN A 91 -18.20 43.97 -1.59
N LEU A 92 -18.08 45.27 -1.80
CA LEU A 92 -16.96 46.02 -1.24
C LEU A 92 -17.01 45.93 0.29
N ALA A 93 -18.18 46.13 0.88
CA ALA A 93 -18.27 46.21 2.35
C ALA A 93 -17.80 44.91 2.99
N PHE A 94 -18.10 43.80 2.32
CA PHE A 94 -17.72 42.49 2.83
C PHE A 94 -16.21 42.39 3.01
N ALA A 95 -15.45 42.90 2.03
CA ALA A 95 -13.99 42.88 2.12
C ALA A 95 -13.49 43.87 3.16
N LEU A 96 -14.05 45.08 3.17
CA LEU A 96 -13.66 46.09 4.15
C LEU A 96 -13.91 45.60 5.58
N ASP A 97 -15.01 44.89 5.82
CA ASP A 97 -15.29 44.37 7.16
C ASP A 97 -14.16 43.45 7.62
N TYR A 98 -13.67 42.61 6.72
CA TYR A 98 -12.53 41.75 6.98
C TYR A 98 -11.27 42.56 7.31
N LEU A 99 -10.97 43.62 6.57
CA LEU A 99 -9.76 44.39 6.85
C LEU A 99 -9.82 45.00 8.25
N VAL A 100 -11.00 45.50 8.63
CA VAL A 100 -11.23 45.97 10.01
C VAL A 100 -11.03 44.84 11.03
N ALA A 101 -11.55 43.65 10.73
CA ALA A 101 -11.45 42.53 11.66
C ALA A 101 -10.02 42.02 11.85
N CYS A 102 -9.12 42.40 10.95
CA CYS A 102 -7.70 42.02 11.04
C CYS A 102 -6.89 42.85 12.05
N ASP A 103 -7.47 43.91 12.59
CA ASP A 103 -6.75 44.78 13.52
C ASP A 103 -6.25 44.02 14.75
N ARG A 104 -4.97 44.21 15.07
CA ARG A 104 -4.41 43.70 16.32
C ARG A 104 -3.65 44.83 17.03
N GLY A 105 -4.01 46.07 16.71
CA GLY A 105 -3.45 47.27 17.35
C GLY A 105 -2.14 47.81 16.80
N ASP A 106 -1.05 47.26 17.31
CA ASP A 106 0.30 47.59 16.90
C ASP A 106 0.71 46.73 15.69
N SER A 107 -0.25 45.96 15.18
CA SER A 107 -0.03 45.00 14.11
C SER A 107 -1.38 44.59 13.54
N VAL A 108 -1.37 43.84 12.44
CA VAL A 108 -2.61 43.31 11.86
C VAL A 108 -2.38 41.85 11.50
N VAL A 109 -3.45 41.07 11.44
CA VAL A 109 -3.43 39.78 10.75
C VAL A 109 -3.35 40.14 9.26
N TYR A 110 -2.31 39.66 8.58
CA TYR A 110 -2.12 40.01 7.17
C TYR A 110 -2.22 38.84 6.19
N GLN A 111 -2.42 37.63 6.71
CA GLN A 111 -2.60 36.47 5.86
C GLN A 111 -3.34 35.37 6.61
N ILE A 112 -4.21 34.65 5.92
CA ILE A 112 -4.81 33.42 6.46
C ILE A 112 -4.52 32.31 5.47
N GLY A 113 -3.88 31.24 5.94
CA GLY A 113 -3.47 30.16 5.06
C GLY A 113 -2.01 30.26 4.62
N ASP A 114 -1.43 29.09 4.42
CA ASP A 114 -0.05 28.92 3.97
C ASP A 114 -0.10 28.66 2.49
N GLY A 115 0.55 29.51 1.71
CA GLY A 115 0.52 29.44 0.25
C GLY A 115 0.85 28.07 -0.29
N ALA A 116 1.99 27.52 0.12
CA ALA A 116 2.43 26.22 -0.39
C ALA A 116 1.52 25.07 0.00
N ALA A 117 1.11 25.04 1.26
CA ALA A 117 0.16 24.05 1.75
C ALA A 117 -1.19 24.15 1.02
N ASP A 118 -1.70 25.37 0.89
CA ASP A 118 -2.98 25.59 0.20
C ASP A 118 -2.93 25.11 -1.25
N HIS A 119 -1.90 25.51 -1.98
CA HIS A 119 -1.82 25.26 -3.42
C HIS A 119 -1.56 23.80 -3.75
N LYS A 120 -1.01 23.05 -2.81
CA LYS A 120 -0.71 21.65 -3.08
C LYS A 120 -1.97 20.79 -3.22
N TRP A 121 -3.09 21.29 -2.70
CA TRP A 121 -4.34 20.53 -2.66
C TRP A 121 -5.36 21.17 -3.58
N TRP A 122 -6.12 20.32 -4.28
CA TRP A 122 -7.11 20.75 -5.26
C TRP A 122 -8.48 20.23 -4.78
N GLY A 123 -9.35 21.14 -4.36
CA GLY A 123 -10.68 20.76 -3.89
C GLY A 123 -11.44 21.99 -3.44
N SER A 124 -12.67 21.78 -2.99
CA SER A 124 -13.61 22.86 -2.75
C SER A 124 -13.42 23.51 -1.37
N ALA A 125 -13.64 24.83 -1.33
CA ALA A 125 -13.49 25.63 -0.12
C ALA A 125 -14.14 25.00 1.11
N GLU A 126 -15.35 24.50 0.95
CA GLU A 126 -16.17 24.08 2.08
C GLU A 126 -15.63 22.82 2.79
N VAL A 127 -14.74 22.09 2.15
CA VAL A 127 -14.21 20.86 2.74
C VAL A 127 -12.72 20.94 3.08
N ILE A 128 -12.08 22.08 2.88
CA ILE A 128 -10.62 22.18 3.07
C ILE A 128 -10.14 21.89 4.50
N GLU A 129 -10.98 22.15 5.50
CA GLU A 129 -10.60 21.90 6.89
C GLU A 129 -10.48 20.41 7.23
N LYS A 130 -11.07 19.55 6.40
CA LYS A 130 -10.86 18.11 6.52
C LYS A 130 -9.48 17.69 6.03
N GLU A 131 -8.90 18.49 5.13
CA GLU A 131 -7.58 18.22 4.55
C GLU A 131 -6.42 18.81 5.37
N MET A 132 -6.57 20.03 5.87
CA MET A 132 -5.49 20.73 6.54
C MET A 132 -5.99 21.76 7.55
N THR A 133 -5.09 22.21 8.41
CA THR A 133 -5.33 23.23 9.42
C THR A 133 -4.59 24.51 9.02
N ARG A 134 -5.33 25.60 8.97
CA ARG A 134 -4.84 26.82 8.35
C ARG A 134 -4.22 27.79 9.35
N PRO A 135 -2.96 28.17 9.14
CA PRO A 135 -2.35 29.15 10.01
C PRO A 135 -2.79 30.58 9.74
N TYR A 136 -2.42 31.50 10.62
CA TYR A 136 -2.53 32.91 10.33
C TYR A 136 -1.19 33.59 10.58
N PHE A 137 -1.08 34.83 10.11
CA PHE A 137 0.17 35.57 10.14
C PHE A 137 -0.10 37.00 10.58
N VAL A 138 0.72 37.50 11.50
CA VAL A 138 0.57 38.85 12.04
C VAL A 138 1.86 39.62 11.79
N GLY A 139 1.73 40.93 11.56
CA GLY A 139 2.87 41.80 11.30
C GLY A 139 2.44 43.23 11.09
N LYS A 140 3.38 44.07 10.67
CA LYS A 140 3.11 45.48 10.43
C LYS A 140 3.80 45.99 9.17
N GLY A 141 3.90 45.13 8.16
CA GLY A 141 4.49 45.52 6.88
C GLY A 141 3.83 46.78 6.32
N SER A 142 4.67 47.77 6.00
CA SER A 142 4.18 49.06 5.53
C SER A 142 3.35 48.94 4.24
N ALA A 143 3.76 48.07 3.31
CA ALA A 143 3.00 47.87 2.06
C ALA A 143 1.62 47.30 2.33
N VAL A 144 1.57 46.17 3.03
CA VAL A 144 0.27 45.55 3.28
C VAL A 144 -0.61 46.43 4.16
N VAL A 145 -0.06 46.99 5.24
CA VAL A 145 -0.86 47.86 6.08
C VAL A 145 -1.29 49.16 5.40
N GLY A 146 -0.42 49.70 4.56
CA GLY A 146 -0.73 50.93 3.83
C GLY A 146 -1.84 50.71 2.83
N GLN A 147 -1.80 49.54 2.18
CA GLN A 147 -2.87 49.18 1.23
C GLN A 147 -4.20 48.96 1.95
N MET A 148 -4.16 48.32 3.11
CA MET A 148 -5.37 48.14 3.89
C MET A 148 -5.94 49.51 4.28
N ALA A 149 -5.05 50.45 4.63
CA ALA A 149 -5.47 51.80 4.97
C ALA A 149 -6.15 52.49 3.78
N ALA A 150 -5.55 52.36 2.60
CA ALA A 150 -6.07 53.00 1.39
C ALA A 150 -7.47 52.48 1.07
N ALA A 151 -7.64 51.16 1.15
CA ALA A 151 -8.93 50.53 0.85
C ALA A 151 -10.01 51.06 1.78
N LEU A 152 -9.64 51.16 3.07
CA LEU A 152 -10.58 51.69 4.04
C LEU A 152 -10.84 53.19 3.89
N ALA A 153 -9.84 53.93 3.41
CA ALA A 153 -10.02 55.36 3.20
C ALA A 153 -11.02 55.60 2.06
N VAL A 154 -10.75 55.05 0.88
CA VAL A 154 -11.75 55.19 -0.17
C VAL A 154 -13.12 54.57 0.18
N GLY A 155 -13.12 53.41 0.84
CA GLY A 155 -14.37 52.79 1.26
C GLY A 155 -15.21 53.69 2.15
N SER A 156 -14.52 54.38 3.05
CA SER A 156 -15.19 55.30 3.99
C SER A 156 -15.90 56.42 3.25
N ILE A 157 -15.35 56.87 2.13
CA ILE A 157 -16.02 57.89 1.31
C ILE A 157 -17.25 57.30 0.62
N VAL A 158 -17.03 56.25 -0.17
CA VAL A 158 -18.08 55.77 -1.05
C VAL A 158 -19.20 55.06 -0.30
N LEU A 159 -18.90 54.54 0.88
CA LEU A 159 -19.89 53.88 1.73
C LEU A 159 -20.26 54.69 2.98
N LYS A 160 -19.79 55.95 3.04
CA LYS A 160 -20.22 56.91 4.05
C LYS A 160 -20.12 56.26 5.43
N ASN A 161 -18.94 55.74 5.73
CA ASN A 161 -18.77 54.89 6.89
C ASN A 161 -17.65 55.40 7.80
N ASP A 162 -18.01 55.89 8.99
CA ASP A 162 -16.98 56.46 9.86
C ASP A 162 -16.04 55.45 10.48
N THR A 163 -16.48 54.20 10.62
CA THR A 163 -15.65 53.12 11.14
C THR A 163 -14.50 52.88 10.15
N TYR A 164 -14.83 52.80 8.87
CA TYR A 164 -13.78 52.55 7.89
C TYR A 164 -12.71 53.64 7.95
N LEU A 165 -13.12 54.90 8.14
CA LEU A 165 -12.19 56.01 8.19
C LEU A 165 -11.31 55.94 9.44
N ARG A 166 -11.92 55.56 10.56
CA ARG A 166 -11.18 55.38 11.80
C ARG A 166 -10.05 54.36 11.63
N TYR A 167 -10.36 53.22 11.02
CA TYR A 167 -9.39 52.16 10.80
C TYR A 167 -8.40 52.52 9.69
N ALA A 168 -8.86 53.24 8.66
CA ALA A 168 -7.93 53.74 7.65
C ALA A 168 -6.83 54.59 8.30
N LYS A 169 -7.22 55.45 9.24
CA LYS A 169 -6.26 56.29 9.94
C LYS A 169 -5.38 55.46 10.88
N LYS A 170 -5.97 54.47 11.54
CA LYS A 170 -5.20 53.58 12.42
C LYS A 170 -4.09 52.92 11.61
N TYR A 171 -4.47 52.35 10.48
CA TYR A 171 -3.53 51.58 9.66
C TYR A 171 -2.49 52.47 9.00
N PHE A 172 -2.89 53.65 8.54
CA PHE A 172 -1.93 54.54 7.91
C PHE A 172 -0.88 54.99 8.90
N GLU A 173 -1.32 55.34 10.11
CA GLU A 173 -0.37 55.76 11.11
C GLU A 173 0.66 54.67 11.43
N LEU A 174 0.21 53.43 11.51
CA LEU A 174 1.06 52.28 11.80
C LEU A 174 2.02 52.06 10.64
N ALA A 175 1.49 52.09 9.44
CA ALA A 175 2.32 51.85 8.27
C ALA A 175 3.39 52.91 8.12
N ASP A 176 3.00 54.15 8.39
CA ASP A 176 3.87 55.31 8.27
C ASP A 176 4.92 55.40 9.37
N ALA A 177 4.65 54.78 10.52
CA ALA A 177 5.59 54.81 11.64
C ALA A 177 6.58 53.66 11.47
N THR A 178 6.12 52.55 10.91
CA THR A 178 6.91 51.33 10.75
C THR A 178 7.95 51.45 9.63
N ARG A 179 7.57 52.08 8.52
CA ARG A 179 8.47 52.26 7.37
C ARG A 179 9.38 51.06 7.10
N SER A 180 8.75 49.89 7.05
CA SER A 180 9.48 48.65 6.75
C SER A 180 8.54 47.55 6.28
N ASP A 181 9.01 46.77 5.32
CA ASP A 181 8.33 45.55 4.92
C ASP A 181 8.92 44.30 5.58
N SER A 182 9.80 44.48 6.57
CA SER A 182 10.54 43.34 7.14
C SER A 182 9.65 42.29 7.80
N THR A 183 8.49 42.72 8.33
CA THR A 183 7.57 41.78 8.94
C THR A 183 6.54 41.20 7.97
N TYR A 184 6.70 41.53 6.70
CA TYR A 184 5.85 40.99 5.63
C TYR A 184 6.62 39.87 4.93
N THR A 185 6.39 38.64 5.38
CA THR A 185 7.11 37.46 4.91
C THR A 185 6.26 36.29 4.43
N ALA A 186 5.05 36.12 4.98
CA ALA A 186 4.26 34.92 4.74
C ALA A 186 3.82 34.82 3.28
N ALA A 187 3.81 35.95 2.57
CA ALA A 187 3.39 35.99 1.17
C ALA A 187 4.56 35.97 0.19
N ASN A 188 5.79 35.78 0.67
CA ASN A 188 6.93 35.78 -0.24
C ASN A 188 6.87 34.65 -1.27
N GLY A 189 7.10 35.05 -2.52
CA GLY A 189 6.99 34.16 -3.66
C GLY A 189 5.58 34.11 -4.21
N PHE A 190 4.61 34.69 -3.50
CA PHE A 190 3.23 34.76 -3.97
C PHE A 190 2.86 36.23 -4.25
N TYR A 191 2.97 37.05 -3.21
CA TYR A 191 2.77 38.50 -3.30
C TYR A 191 3.91 39.24 -2.57
N SER A 192 5.14 38.97 -2.96
CA SER A 192 6.30 39.68 -2.42
C SER A 192 6.18 41.19 -2.67
N SER A 193 6.65 42.01 -1.73
CA SER A 193 6.71 43.45 -1.96
C SER A 193 7.90 43.74 -2.87
N HIS A 194 7.63 44.04 -4.14
CA HIS A 194 8.69 44.26 -5.13
C HIS A 194 9.15 45.71 -5.17
N SER A 195 8.18 46.63 -5.18
CA SER A 195 8.46 48.04 -5.38
C SER A 195 8.84 48.73 -4.07
N GLY A 196 8.68 48.04 -2.94
CA GLY A 196 8.82 48.70 -1.64
C GLY A 196 7.49 49.25 -1.18
N PHE A 197 7.56 50.09 -0.15
CA PHE A 197 6.37 50.54 0.55
C PHE A 197 6.05 52.03 0.39
N TRP A 198 6.93 52.80 -0.25
CA TRP A 198 6.66 54.22 -0.44
C TRP A 198 5.41 54.48 -1.30
N ASP A 199 5.20 53.66 -2.33
CA ASP A 199 4.00 53.83 -3.14
C ASP A 199 2.70 53.59 -2.37
N GLU A 200 2.67 52.60 -1.47
CA GLU A 200 1.48 52.40 -0.64
C GLU A 200 1.23 53.59 0.28
N LEU A 201 2.29 54.16 0.83
CA LEU A 201 2.09 55.33 1.70
C LEU A 201 1.54 56.50 0.91
N LEU A 202 2.06 56.71 -0.30
CA LEU A 202 1.51 57.69 -1.22
C LEU A 202 0.02 57.48 -1.51
N TRP A 203 -0.32 56.26 -1.91
CA TRP A 203 -1.69 55.87 -2.26
C TRP A 203 -2.62 56.07 -1.06
N ALA A 204 -2.21 55.60 0.10
CA ALA A 204 -3.05 55.72 1.27
C ALA A 204 -3.24 57.17 1.73
N SER A 205 -2.14 57.93 1.81
CA SER A 205 -2.24 59.33 2.21
C SER A 205 -3.08 60.15 1.22
N THR A 206 -2.98 59.84 -0.08
CA THR A 206 -3.76 60.53 -1.10
C THR A 206 -5.25 60.30 -0.88
N TRP A 207 -5.62 59.03 -0.69
CA TRP A 207 -7.01 58.71 -0.37
C TRP A 207 -7.50 59.33 0.93
N LEU A 208 -6.63 59.40 1.95
CA LEU A 208 -6.96 60.10 3.19
C LEU A 208 -7.17 61.60 2.99
N TYR A 209 -6.39 62.23 2.12
CA TYR A 209 -6.64 63.60 1.74
C TYR A 209 -8.01 63.73 1.10
N LEU A 210 -8.30 62.84 0.15
CA LEU A 210 -9.57 62.91 -0.54
C LEU A 210 -10.73 62.59 0.41
N ALA A 211 -10.45 61.84 1.47
CA ALA A 211 -11.48 61.53 2.46
C ALA A 211 -11.73 62.68 3.44
N THR A 212 -10.66 63.31 3.92
CA THR A 212 -10.72 64.27 5.02
C THR A 212 -10.52 65.73 4.61
N GLY A 213 -9.85 65.98 3.50
CA GLY A 213 -9.49 67.35 3.12
C GLY A 213 -8.40 67.95 4.00
N ASP A 214 -7.84 67.11 4.86
CA ASP A 214 -6.82 67.49 5.83
C ASP A 214 -5.50 67.58 5.07
N ARG A 215 -4.93 68.77 5.10
CA ARG A 215 -3.73 69.05 4.31
C ARG A 215 -2.47 68.34 4.82
N ASN A 216 -2.49 67.88 6.06
CA ASN A 216 -1.38 67.05 6.55
C ASN A 216 -1.17 65.83 5.66
N TYR A 217 -2.28 65.23 5.23
CA TYR A 217 -2.25 64.09 4.33
C TYR A 217 -1.76 64.49 2.95
N LEU A 218 -2.16 65.64 2.42
CA LEU A 218 -1.58 66.08 1.14
C LEU A 218 -0.07 66.34 1.25
N ASP A 219 0.35 66.96 2.36
CA ASP A 219 1.77 67.20 2.58
C ASP A 219 2.59 65.93 2.68
N LYS A 220 2.06 64.96 3.42
CA LYS A 220 2.64 63.62 3.49
C LYS A 220 2.77 63.01 2.09
N ALA A 221 1.66 63.01 1.35
CA ALA A 221 1.64 62.43 0.01
C ALA A 221 2.77 63.01 -0.85
N GLU A 222 2.84 64.33 -0.89
CA GLU A 222 3.85 65.01 -1.71
C GLU A 222 5.27 64.75 -1.25
N SER A 223 5.45 64.48 0.04
CA SER A 223 6.74 64.13 0.62
C SER A 223 7.25 62.74 0.20
N TYR A 224 6.36 61.88 -0.25
CA TYR A 224 6.76 60.52 -0.63
C TYR A 224 7.26 60.41 -2.06
N THR A 225 6.91 61.38 -2.91
CA THR A 225 7.24 61.24 -4.33
C THR A 225 8.73 61.10 -4.65
N PRO A 226 9.62 61.82 -3.94
CA PRO A 226 11.05 61.64 -4.18
C PRO A 226 11.62 60.29 -3.75
N LYS A 227 10.86 59.54 -2.95
CA LYS A 227 11.23 58.20 -2.49
C LYS A 227 10.77 57.08 -3.42
N LEU A 228 9.94 57.43 -4.40
CA LEU A 228 9.48 56.42 -5.34
C LEU A 228 10.63 55.97 -6.22
N ASN A 229 10.54 54.73 -6.72
CA ASN A 229 11.54 54.21 -7.63
C ASN A 229 11.63 55.02 -8.92
N ARG A 230 12.85 55.11 -9.46
CA ARG A 230 13.14 55.82 -10.69
C ARG A 230 12.96 54.84 -11.85
N GLN A 231 12.75 55.38 -13.05
CA GLN A 231 12.73 54.54 -14.25
C GLN A 231 14.16 54.23 -14.64
N ASN A 232 14.55 52.96 -14.50
CA ASN A 232 15.93 52.53 -14.70
C ASN A 232 16.93 53.47 -14.02
N GLN A 233 17.82 54.07 -14.81
CA GLN A 233 18.90 54.89 -14.25
C GLN A 233 18.63 56.38 -14.40
N THR A 234 17.41 56.73 -14.81
CA THR A 234 17.03 58.13 -15.02
C THR A 234 16.50 58.74 -13.73
N THR A 235 16.13 60.01 -13.79
CA THR A 235 15.58 60.73 -12.64
C THR A 235 14.05 60.77 -12.65
N ASP A 236 13.44 60.30 -13.73
CA ASP A 236 11.99 60.19 -13.79
C ASP A 236 11.49 59.13 -12.82
N ILE A 237 10.32 59.38 -12.24
CA ILE A 237 9.61 58.38 -11.44
C ILE A 237 9.26 57.23 -12.36
N GLU A 238 9.37 55.99 -11.87
CA GLU A 238 9.11 54.82 -12.69
C GLU A 238 7.72 54.91 -13.37
N TYR A 239 7.68 54.67 -14.68
CA TYR A 239 6.40 54.72 -15.40
C TYR A 239 6.10 53.52 -16.30
N GLN A 240 7.10 52.68 -16.56
CA GLN A 240 7.00 51.57 -17.51
C GLN A 240 6.53 50.28 -16.83
N TRP A 241 5.36 50.36 -16.21
CA TRP A 241 4.70 49.22 -15.61
C TRP A 241 3.22 49.59 -15.46
N ALA A 242 2.45 48.74 -14.81
CA ALA A 242 1.03 48.96 -14.54
C ALA A 242 0.77 49.23 -13.06
N HIS A 243 -0.22 50.09 -12.82
CA HIS A 243 -0.94 50.10 -11.55
C HIS A 243 -1.37 48.68 -11.24
N CYS A 244 -1.05 48.22 -10.04
CA CYS A 244 -1.40 46.85 -9.64
C CYS A 244 -1.27 46.65 -8.13
N TRP A 245 -1.56 45.44 -7.69
CA TRP A 245 -1.52 45.11 -6.25
C TRP A 245 -0.21 45.49 -5.56
N ASP A 246 0.90 45.47 -6.27
CA ASP A 246 2.21 45.75 -5.69
C ASP A 246 2.58 47.24 -5.64
N ASP A 247 1.95 48.00 -6.53
CA ASP A 247 2.36 49.35 -6.82
C ASP A 247 1.25 50.22 -7.42
N CYS A 248 0.70 51.07 -6.57
CA CYS A 248 -0.38 51.97 -6.90
C CYS A 248 0.08 53.41 -7.11
N HIS A 249 1.37 53.68 -7.26
CA HIS A 249 1.80 55.06 -7.44
C HIS A 249 1.27 55.68 -8.72
N TYR A 250 1.08 54.84 -9.74
CA TYR A 250 0.59 55.28 -11.05
C TYR A 250 -0.75 55.99 -10.88
N GLY A 251 -1.70 55.31 -10.24
CA GLY A 251 -3.03 55.86 -9.99
C GLY A 251 -2.98 57.03 -9.03
N ALA A 252 -2.10 56.95 -8.03
CA ALA A 252 -1.96 58.06 -7.08
C ALA A 252 -1.53 59.35 -7.77
N MET A 253 -0.63 59.28 -8.74
CA MET A 253 -0.17 60.44 -9.49
C MET A 253 -1.33 61.07 -10.28
N ILE A 254 -2.18 60.22 -10.84
CA ILE A 254 -3.37 60.67 -11.55
C ILE A 254 -4.31 61.41 -10.61
N LEU A 255 -4.54 60.85 -9.42
CA LEU A 255 -5.37 61.50 -8.42
C LEU A 255 -4.77 62.83 -7.98
N LEU A 256 -3.45 62.90 -7.85
CA LEU A 256 -2.78 64.13 -7.42
C LEU A 256 -2.70 65.21 -8.50
N ALA A 257 -2.70 64.79 -9.76
CA ALA A 257 -2.84 65.70 -10.89
C ALA A 257 -4.20 66.39 -10.81
N ARG A 258 -5.26 65.61 -10.60
CA ARG A 258 -6.58 66.19 -10.45
C ARG A 258 -6.68 67.08 -9.20
N ALA A 259 -6.12 66.64 -8.08
CA ALA A 259 -6.27 67.36 -6.81
C ALA A 259 -5.48 68.66 -6.67
N THR A 260 -4.24 68.69 -7.12
CA THR A 260 -3.40 69.89 -6.99
C THR A 260 -3.33 70.69 -8.30
N GLY A 261 -3.63 70.00 -9.40
CA GLY A 261 -3.48 70.54 -10.75
C GLY A 261 -2.03 70.78 -11.12
N LYS A 262 -1.10 70.39 -10.26
CA LYS A 262 0.32 70.59 -10.49
C LYS A 262 0.82 69.87 -11.74
N GLU A 263 1.72 70.53 -12.45
CA GLU A 263 2.20 70.06 -13.75
C GLU A 263 3.06 68.81 -13.63
N GLU A 264 3.80 68.67 -12.53
CA GLU A 264 4.60 67.46 -12.30
C GLU A 264 3.77 66.18 -12.38
N TYR A 265 2.53 66.24 -11.89
CA TYR A 265 1.66 65.07 -11.85
C TYR A 265 1.06 64.82 -13.23
N HIS A 266 0.80 65.90 -13.96
CA HIS A 266 0.28 65.80 -15.32
C HIS A 266 1.33 65.26 -16.27
N LYS A 267 2.55 65.75 -16.13
CA LYS A 267 3.68 65.25 -16.91
C LYS A 267 3.85 63.75 -16.71
N PHE A 268 3.83 63.33 -15.45
CA PHE A 268 3.94 61.90 -15.14
C PHE A 268 2.81 61.08 -15.76
N ALA A 269 1.56 61.49 -15.56
CA ALA A 269 0.40 60.75 -16.04
C ALA A 269 0.49 60.60 -17.56
N GLN A 270 0.88 61.66 -18.27
CA GLN A 270 0.94 61.62 -19.73
C GLN A 270 2.10 60.75 -20.24
N MET A 271 3.23 60.78 -19.53
CA MET A 271 4.37 59.92 -19.88
C MET A 271 4.00 58.44 -19.70
N HIS A 272 3.41 58.13 -18.54
CA HIS A 272 2.99 56.77 -18.20
C HIS A 272 1.94 56.25 -19.18
N LEU A 273 0.89 57.05 -19.39
CA LEU A 273 -0.16 56.60 -20.30
C LEU A 273 0.31 56.53 -21.74
N ASP A 274 1.14 57.49 -22.16
CA ASP A 274 1.66 57.46 -23.53
C ASP A 274 2.43 56.14 -23.76
N TRP A 275 3.20 55.71 -22.76
CA TRP A 275 3.97 54.48 -22.87
C TRP A 275 3.08 53.26 -23.11
N TRP A 276 1.87 53.31 -22.58
CA TRP A 276 0.89 52.25 -22.76
C TRP A 276 0.13 52.32 -24.09
N THR A 277 0.11 53.48 -24.75
CA THR A 277 -0.67 53.66 -25.98
C THR A 277 0.09 53.16 -27.21
N PRO A 278 -0.61 52.87 -28.31
CA PRO A 278 0.07 52.48 -29.54
C PRO A 278 1.16 53.44 -30.03
N GLN A 279 1.02 54.75 -29.78
CA GLN A 279 2.02 55.70 -30.26
C GLN A 279 3.28 55.75 -29.39
N GLY A 280 3.18 55.24 -28.16
CA GLY A 280 4.32 55.14 -27.26
C GLY A 280 4.73 56.50 -26.72
N TYR A 281 5.89 56.50 -26.07
CA TYR A 281 6.43 57.70 -25.45
C TYR A 281 7.86 57.79 -25.92
N ASN A 282 8.07 58.67 -26.89
CA ASN A 282 9.39 58.98 -27.45
C ASN A 282 10.21 57.75 -27.78
N GLY A 283 9.54 56.83 -28.47
CA GLY A 283 10.20 55.63 -28.94
C GLY A 283 10.17 54.44 -27.99
N LYS A 284 9.55 54.58 -26.82
CA LYS A 284 9.45 53.53 -25.82
C LYS A 284 7.97 53.16 -25.66
N ARG A 285 7.66 51.87 -25.49
CA ARG A 285 6.27 51.47 -25.46
C ARG A 285 6.18 50.07 -24.88
N VAL A 286 5.11 49.81 -24.14
CA VAL A 286 4.75 48.46 -23.74
C VAL A 286 4.64 47.53 -24.97
N ALA A 287 4.98 46.25 -24.80
CA ALA A 287 4.76 45.32 -25.90
C ALA A 287 3.28 45.26 -26.22
N TYR A 288 2.99 45.10 -27.50
CA TYR A 288 1.62 44.90 -27.94
C TYR A 288 1.52 43.59 -28.69
N THR A 289 0.46 42.84 -28.44
CA THR A 289 0.16 41.73 -29.36
C THR A 289 -0.30 42.26 -30.72
N PRO A 290 -0.10 41.46 -31.79
CA PRO A 290 -0.56 41.92 -33.10
C PRO A 290 -2.06 42.17 -33.10
N GLY A 291 -2.78 41.45 -32.24
CA GLY A 291 -4.22 41.61 -32.08
C GLY A 291 -4.68 42.84 -31.29
N GLY A 292 -3.75 43.62 -30.77
CA GLY A 292 -4.05 44.91 -30.14
C GLY A 292 -4.07 44.96 -28.62
N LEU A 293 -3.62 43.88 -27.97
CA LEU A 293 -3.59 43.84 -26.50
C LEU A 293 -2.25 44.37 -26.00
N ALA A 294 -2.27 45.38 -25.12
CA ALA A 294 -1.04 45.85 -24.48
C ALA A 294 -0.67 44.73 -23.53
N HIS A 295 0.53 44.17 -23.69
CA HIS A 295 0.92 42.92 -23.05
C HIS A 295 2.17 43.12 -22.16
N LEU A 296 1.92 43.36 -20.88
CA LEU A 296 3.00 43.81 -20.02
C LEU A 296 3.96 42.71 -19.59
N ASP A 297 3.43 41.52 -19.35
CA ASP A 297 4.22 40.45 -18.78
C ASP A 297 3.51 39.15 -19.09
N THR A 298 4.22 38.04 -18.86
CA THR A 298 3.68 36.69 -19.05
C THR A 298 2.45 36.45 -18.17
N TRP A 299 2.45 37.00 -16.95
CA TRP A 299 1.42 36.73 -15.95
C TRP A 299 0.37 37.82 -15.94
N GLY A 300 -0.89 37.43 -16.08
CA GLY A 300 -2.01 38.37 -16.01
C GLY A 300 -1.96 39.58 -16.91
N PRO A 301 -1.69 39.40 -18.22
CA PRO A 301 -1.70 40.55 -19.11
C PRO A 301 -3.06 41.24 -19.18
N LEU A 302 -4.17 40.49 -19.16
CA LEU A 302 -5.50 41.14 -19.21
C LEU A 302 -5.72 42.00 -17.96
N ARG A 303 -5.35 41.48 -16.80
CA ARG A 303 -5.36 42.23 -15.53
C ARG A 303 -4.66 43.58 -15.67
N TYR A 304 -3.43 43.59 -16.19
CA TYR A 304 -2.71 44.86 -16.28
C TYR A 304 -3.35 45.82 -17.28
N ALA A 305 -3.73 45.30 -18.45
CA ALA A 305 -4.23 46.17 -19.53
C ALA A 305 -5.59 46.76 -19.16
N THR A 306 -6.45 45.96 -18.54
CA THR A 306 -7.75 46.47 -18.11
C THR A 306 -7.67 47.44 -16.93
N THR A 307 -6.66 47.29 -16.08
CA THR A 307 -6.43 48.23 -14.98
C THR A 307 -5.98 49.58 -15.55
N GLU A 308 -5.06 49.50 -16.52
CA GLU A 308 -4.59 50.73 -17.18
C GLU A 308 -5.74 51.38 -17.95
N ALA A 309 -6.66 50.58 -18.49
CA ALA A 309 -7.85 51.16 -19.12
C ALA A 309 -8.61 52.03 -18.12
N PHE A 310 -8.80 51.54 -16.89
CA PHE A 310 -9.45 52.36 -15.86
C PHE A 310 -8.71 53.65 -15.58
N LEU A 311 -7.40 53.58 -15.37
CA LEU A 311 -6.63 54.79 -15.14
C LEU A 311 -6.72 55.78 -16.29
N ALA A 312 -6.69 55.26 -17.52
CA ALA A 312 -6.78 56.09 -18.72
C ALA A 312 -8.14 56.77 -18.83
N PHE A 313 -9.22 56.07 -18.53
CA PHE A 313 -10.55 56.68 -18.52
C PHE A 313 -10.60 57.80 -17.48
N VAL A 314 -10.13 57.52 -16.26
CA VAL A 314 -10.19 58.51 -15.17
C VAL A 314 -9.38 59.76 -15.55
N TYR A 315 -8.20 59.55 -16.12
CA TYR A 315 -7.36 60.66 -16.49
C TYR A 315 -7.98 61.44 -17.65
N ALA A 316 -8.43 60.75 -18.69
CA ALA A 316 -9.07 61.42 -19.82
C ALA A 316 -10.28 62.24 -19.38
N ASP A 317 -11.09 61.70 -18.47
CA ASP A 317 -12.26 62.41 -17.98
C ASP A 317 -11.92 63.64 -17.15
N SER A 318 -10.68 63.71 -16.67
CA SER A 318 -10.27 64.78 -15.74
CA SER A 318 -10.27 64.77 -15.74
C SER A 318 -9.55 65.93 -16.43
N ILE A 319 -9.31 65.79 -17.74
CA ILE A 319 -8.61 66.80 -18.52
C ILE A 319 -9.48 67.33 -19.65
N ASN A 320 -9.03 68.41 -20.26
CA ASN A 320 -9.78 69.08 -21.32
C ASN A 320 -9.24 68.95 -22.75
N ASP A 321 -7.94 68.66 -22.90
CA ASP A 321 -7.35 68.58 -24.22
C ASP A 321 -8.02 67.51 -25.08
N PRO A 322 -8.62 67.91 -26.21
CA PRO A 322 -9.37 66.96 -27.02
C PRO A 322 -8.51 65.81 -27.57
N ALA A 323 -7.30 66.11 -28.05
CA ALA A 323 -6.44 65.07 -28.60
C ALA A 323 -5.99 64.05 -27.54
N LEU A 324 -5.59 64.52 -26.36
CA LEU A 324 -5.23 63.63 -25.26
C LEU A 324 -6.42 62.80 -24.79
N LYS A 325 -7.58 63.43 -24.64
CA LYS A 325 -8.78 62.71 -24.24
C LYS A 325 -9.11 61.57 -25.19
N GLN A 326 -9.08 61.84 -26.50
CA GLN A 326 -9.39 60.83 -27.50
C GLN A 326 -8.36 59.70 -27.51
N LYS A 327 -7.08 60.08 -27.43
CA LYS A 327 -6.02 59.07 -27.42
C LYS A 327 -6.16 58.15 -26.20
N TYR A 328 -6.39 58.72 -25.02
CA TYR A 328 -6.47 57.86 -23.85
C TYR A 328 -7.76 57.05 -23.75
N TYR A 329 -8.89 57.66 -24.14
CA TYR A 329 -10.16 56.94 -24.21
C TYR A 329 -10.07 55.78 -25.20
N ASN A 330 -9.51 56.01 -26.38
CA ASN A 330 -9.49 54.93 -27.40
C ASN A 330 -8.63 53.76 -26.93
N PHE A 331 -7.49 54.12 -26.32
CA PHE A 331 -6.66 53.09 -25.69
C PHE A 331 -7.46 52.25 -24.68
N ALA A 332 -8.11 52.93 -23.75
CA ALA A 332 -8.83 52.24 -22.67
C ALA A 332 -9.92 51.32 -23.25
N LYS A 333 -10.75 51.86 -24.14
CA LYS A 333 -11.87 51.07 -24.66
C LYS A 333 -11.32 49.90 -25.48
N SER A 334 -10.20 50.12 -26.16
CA SER A 334 -9.63 49.04 -26.97
C SER A 334 -9.20 47.85 -26.10
N GLN A 335 -8.72 48.16 -24.90
CA GLN A 335 -8.27 47.06 -24.04
C GLN A 335 -9.44 46.30 -23.41
N ILE A 336 -10.45 47.03 -22.97
CA ILE A 336 -11.64 46.35 -22.45
C ILE A 336 -12.29 45.51 -23.55
N ASP A 337 -12.40 46.10 -24.76
CA ASP A 337 -13.08 45.38 -25.84
C ASP A 337 -12.31 44.12 -26.23
N TYR A 338 -10.97 44.19 -26.18
CA TYR A 338 -10.18 42.99 -26.43
C TYR A 338 -10.56 41.88 -25.45
N ALA A 339 -10.64 42.23 -24.17
CA ALA A 339 -11.03 41.24 -23.14
C ALA A 339 -12.41 40.63 -23.35
N LEU A 340 -13.32 41.40 -23.95
CA LEU A 340 -14.72 40.97 -24.14
C LEU A 340 -14.97 40.26 -25.45
N GLY A 341 -14.01 40.35 -26.39
CA GLY A 341 -14.10 39.59 -27.63
C GLY A 341 -13.55 40.24 -28.88
N SER A 342 -13.02 41.45 -28.77
CA SER A 342 -12.41 42.12 -29.93
C SER A 342 -10.95 41.72 -30.09
N ASN A 343 -10.77 40.49 -30.60
CA ASN A 343 -9.46 39.88 -30.65
C ASN A 343 -9.44 38.87 -31.80
N PRO A 344 -8.30 38.25 -32.09
CA PRO A 344 -8.25 37.46 -33.32
C PRO A 344 -9.14 36.23 -33.27
N ASP A 345 -9.54 35.79 -32.09
CA ASP A 345 -10.43 34.64 -31.95
C ASP A 345 -11.90 35.02 -31.75
N ASN A 346 -12.16 36.32 -31.74
CA ASN A 346 -13.49 36.86 -31.52
C ASN A 346 -14.16 36.31 -30.25
N ARG A 347 -13.36 36.13 -29.21
CA ARG A 347 -13.84 35.38 -28.05
C ARG A 347 -13.66 36.14 -26.75
N SER A 348 -14.64 36.01 -25.87
CA SER A 348 -14.55 36.57 -24.54
C SER A 348 -13.49 35.84 -23.71
N TYR A 349 -12.76 36.63 -22.93
CA TYR A 349 -11.85 36.18 -21.87
C TYR A 349 -12.45 36.30 -20.48
N VAL A 350 -13.77 36.46 -20.42
CA VAL A 350 -14.51 36.60 -19.17
C VAL A 350 -15.41 35.37 -19.06
N VAL A 351 -15.16 34.55 -18.04
CA VAL A 351 -15.95 33.32 -17.82
C VAL A 351 -17.44 33.65 -17.77
N GLY A 352 -18.23 32.87 -18.50
CA GLY A 352 -19.68 33.00 -18.41
C GLY A 352 -20.25 34.22 -19.11
N PHE A 353 -19.46 34.83 -19.99
CA PHE A 353 -19.89 36.03 -20.71
C PHE A 353 -19.49 35.99 -22.17
N GLY A 354 -20.38 36.46 -23.02
CA GLY A 354 -20.02 36.71 -24.41
C GLY A 354 -19.81 35.46 -25.25
N ASN A 355 -19.07 35.63 -26.34
CA ASN A 355 -18.90 34.55 -27.30
C ASN A 355 -17.75 33.63 -26.93
N ASN A 356 -18.01 32.33 -26.82
CA ASN A 356 -16.94 31.37 -26.55
C ASN A 356 -16.06 31.72 -25.34
N PRO A 357 -16.67 31.96 -24.17
CA PRO A 357 -15.87 32.28 -22.98
C PRO A 357 -15.01 31.10 -22.51
N PRO A 358 -13.96 31.35 -21.71
CA PRO A 358 -13.25 30.23 -21.09
C PRO A 358 -14.22 29.41 -20.24
N GLN A 359 -14.05 28.09 -20.26
CA GLN A 359 -14.84 27.22 -19.41
C GLN A 359 -14.03 26.43 -18.40
N ARG A 360 -12.70 26.54 -18.47
CA ARG A 360 -11.83 25.80 -17.54
C ARG A 360 -10.90 26.72 -16.76
N PRO A 361 -11.47 27.75 -16.10
CA PRO A 361 -10.60 28.60 -15.28
C PRO A 361 -9.89 27.78 -14.21
N HIS A 362 -8.68 28.23 -13.82
CA HIS A 362 -7.88 27.55 -12.81
C HIS A 362 -8.44 27.89 -11.43
N HIS A 363 -9.58 27.26 -11.10
CA HIS A 363 -10.34 27.66 -9.92
C HIS A 363 -10.93 26.40 -9.30
N ARG A 364 -10.47 26.11 -8.08
CA ARG A 364 -10.79 24.83 -7.43
C ARG A 364 -12.27 24.62 -7.14
N THR A 365 -12.89 25.64 -6.55
CA THR A 365 -14.25 25.46 -6.09
C THR A 365 -15.23 25.54 -7.25
N ALA A 366 -14.90 26.30 -8.30
CA ALA A 366 -15.78 26.30 -9.47
C ALA A 366 -15.70 24.98 -10.24
N HIS A 367 -14.55 24.33 -10.16
CA HIS A 367 -14.32 23.03 -10.80
C HIS A 367 -15.18 21.94 -10.17
N GLY A 368 -15.07 21.78 -8.86
CA GLY A 368 -15.87 20.81 -8.13
C GLY A 368 -15.35 19.39 -8.23
N THR A 369 -14.06 19.18 -8.01
CA THR A 369 -13.58 17.80 -7.90
C THR A 369 -13.96 17.12 -6.58
N TRP A 370 -13.78 15.80 -6.55
CA TRP A 370 -13.91 15.02 -5.33
C TRP A 370 -12.63 14.29 -4.96
N LEU A 371 -11.62 14.36 -5.81
CA LEU A 371 -10.47 13.48 -5.55
C LEU A 371 -9.10 14.08 -5.81
N ASP A 372 -9.00 15.39 -5.55
CA ASP A 372 -7.72 16.09 -5.60
C ASP A 372 -7.04 15.90 -6.97
N LYS A 373 -7.82 16.12 -8.03
CA LYS A 373 -7.31 16.11 -9.40
C LYS A 373 -7.90 17.27 -10.18
N ARG A 374 -7.12 17.76 -11.14
CA ARG A 374 -7.61 18.83 -12.01
C ARG A 374 -8.32 18.29 -13.25
N ASP A 375 -7.96 17.08 -13.67
CA ASP A 375 -8.51 16.52 -14.90
C ASP A 375 -9.86 15.84 -14.71
N ILE A 376 -10.25 15.61 -13.46
CA ILE A 376 -11.52 14.97 -13.17
C ILE A 376 -12.24 15.80 -12.11
N PRO A 377 -13.47 16.29 -12.41
CA PRO A 377 -14.23 16.10 -13.66
C PRO A 377 -13.64 16.88 -14.83
N GLU A 378 -13.89 16.39 -16.04
CA GLU A 378 -13.29 17.00 -17.22
C GLU A 378 -13.94 18.32 -17.61
N LYS A 379 -15.16 18.55 -17.14
CA LYS A 379 -15.86 19.84 -17.28
C LYS A 379 -16.10 20.40 -15.89
N HIS A 380 -15.99 21.72 -15.75
CA HIS A 380 -16.31 22.36 -14.47
C HIS A 380 -17.78 22.14 -14.13
N ARG A 381 -18.03 21.89 -12.85
CA ARG A 381 -19.40 21.73 -12.38
C ARG A 381 -20.14 23.05 -12.19
N HIS A 382 -19.38 24.14 -12.05
CA HIS A 382 -19.97 25.47 -11.78
C HIS A 382 -19.47 26.53 -12.73
N VAL A 383 -20.27 27.58 -12.91
CA VAL A 383 -19.90 28.68 -13.80
C VAL A 383 -19.34 29.82 -12.97
N LEU A 384 -18.06 30.13 -13.17
CA LEU A 384 -17.42 31.22 -12.44
C LEU A 384 -17.69 32.56 -13.15
N TYR A 385 -18.96 32.97 -13.13
CA TYR A 385 -19.35 34.14 -13.90
C TYR A 385 -18.50 35.34 -13.56
N GLY A 386 -18.09 36.01 -14.64
CA GLY A 386 -17.43 37.29 -14.48
C GLY A 386 -15.93 37.29 -14.32
N ALA A 387 -15.33 36.13 -14.12
CA ALA A 387 -13.89 36.07 -13.90
C ALA A 387 -13.11 36.41 -15.16
N LEU A 388 -12.29 37.45 -15.07
CA LEU A 388 -11.33 37.79 -16.14
C LEU A 388 -10.14 36.85 -16.03
N VAL A 389 -9.89 36.03 -17.04
CA VAL A 389 -8.70 35.15 -16.99
C VAL A 389 -7.38 35.89 -17.25
N GLY A 390 -6.28 35.21 -16.98
CA GLY A 390 -4.97 35.76 -17.29
C GLY A 390 -4.86 36.25 -18.72
N GLY A 391 -5.24 35.40 -19.67
CA GLY A 391 -5.36 35.85 -21.04
C GLY A 391 -4.34 35.20 -21.95
N PRO A 392 -4.22 35.73 -23.17
CA PRO A 392 -3.38 35.09 -24.17
C PRO A 392 -1.92 35.45 -24.01
N GLY A 393 -1.07 34.72 -24.71
CA GLY A 393 0.35 35.03 -24.81
C GLY A 393 0.58 36.24 -25.69
N ARG A 394 1.87 36.53 -25.87
CA ARG A 394 2.32 37.71 -26.57
C ARG A 394 1.95 37.74 -28.05
N ASP A 395 1.71 36.55 -28.60
CA ASP A 395 1.28 36.37 -29.99
C ASP A 395 -0.22 36.15 -30.12
N ASP A 396 -0.97 36.49 -29.08
CA ASP A 396 -2.44 36.30 -29.01
C ASP A 396 -2.86 34.84 -28.84
N SER A 397 -1.91 33.93 -28.62
CA SER A 397 -2.28 32.51 -28.53
C SER A 397 -2.88 32.19 -27.17
N TYR A 398 -3.78 31.21 -27.18
CA TYR A 398 -4.51 30.81 -26.00
C TYR A 398 -5.23 29.49 -26.24
N GLU A 399 -5.25 28.67 -25.20
CA GLU A 399 -6.14 27.50 -25.14
C GLU A 399 -6.74 27.43 -23.74
N ASP A 400 -8.02 27.10 -23.71
CA ASP A 400 -8.80 26.97 -22.49
C ASP A 400 -8.50 25.63 -21.84
N ASN A 401 -7.59 25.62 -20.87
CA ASN A 401 -7.05 24.39 -20.31
C ASN A 401 -6.87 24.63 -18.81
N ILE A 402 -7.46 23.79 -17.97
CA ILE A 402 -7.36 23.97 -16.53
C ILE A 402 -5.89 23.88 -16.04
N GLU A 403 -5.06 23.20 -16.81
CA GLU A 403 -3.67 23.00 -16.43
C GLU A 403 -2.82 24.25 -16.65
N ASP A 404 -3.32 25.19 -17.46
CA ASP A 404 -2.57 26.40 -17.75
C ASP A 404 -2.83 27.41 -16.64
N TYR A 405 -2.03 27.31 -15.58
CA TYR A 405 -2.17 28.15 -14.40
C TYR A 405 -1.71 29.60 -14.63
N VAL A 406 -1.16 29.86 -15.82
CA VAL A 406 -0.85 31.23 -16.23
C VAL A 406 -2.04 31.84 -16.99
N LYS A 407 -2.36 31.28 -18.15
CA LYS A 407 -3.38 31.88 -19.01
C LYS A 407 -4.78 31.79 -18.41
N ASN A 408 -5.02 30.75 -17.63
CA ASN A 408 -6.35 30.55 -17.06
C ASN A 408 -6.46 30.87 -15.57
N GLU A 409 -5.45 31.56 -15.05
CA GLU A 409 -5.50 32.15 -13.71
C GLU A 409 -6.67 33.12 -13.60
N VAL A 410 -7.27 33.16 -12.41
CA VAL A 410 -8.33 34.11 -12.08
C VAL A 410 -8.02 34.67 -10.70
N ALA A 411 -8.36 35.93 -10.40
CA ALA A 411 -8.03 36.47 -9.09
C ALA A 411 -8.79 37.75 -8.80
N CYS A 412 -8.88 38.08 -7.52
CA CYS A 412 -9.45 39.35 -7.07
C CYS A 412 -8.85 40.54 -7.82
N ASP A 413 -7.52 40.60 -7.90
CA ASP A 413 -6.88 41.77 -8.48
C ASP A 413 -7.08 41.81 -10.01
N TYR A 414 -7.31 40.65 -10.63
CA TYR A 414 -7.55 40.58 -12.07
C TYR A 414 -8.87 41.30 -12.36
N ASN A 415 -9.87 41.12 -11.49
CA ASN A 415 -11.20 41.71 -11.71
C ASN A 415 -11.34 43.15 -11.26
N ALA A 416 -10.41 43.67 -10.46
CA ALA A 416 -10.68 44.89 -9.70
C ALA A 416 -10.69 46.16 -10.56
N GLY A 417 -9.59 46.44 -11.26
CA GLY A 417 -9.58 47.59 -12.18
C GLY A 417 -10.58 47.39 -13.31
N PHE A 418 -10.73 46.14 -13.74
CA PHE A 418 -11.72 45.76 -14.78
C PHE A 418 -13.15 46.20 -14.46
N VAL A 419 -13.62 45.91 -13.25
CA VAL A 419 -14.83 46.53 -12.74
C VAL A 419 -14.90 48.04 -12.92
N GLY A 420 -13.86 48.78 -12.57
CA GLY A 420 -13.87 50.24 -12.70
C GLY A 420 -14.03 50.66 -14.16
N ALA A 421 -13.29 50.02 -15.05
CA ALA A 421 -13.44 50.30 -16.49
C ALA A 421 -14.81 49.94 -17.07
N LEU A 422 -15.40 48.83 -16.63
CA LEU A 422 -16.77 48.49 -17.05
C LEU A 422 -17.78 49.49 -16.50
N CYS A 423 -17.57 49.97 -15.28
CA CYS A 423 -18.41 51.07 -14.77
C CYS A 423 -18.39 52.27 -15.72
N ARG A 424 -17.21 52.69 -16.17
CA ARG A 424 -17.10 53.81 -17.10
C ARG A 424 -17.86 53.53 -18.40
N LEU A 425 -17.71 52.32 -18.94
CA LEU A 425 -18.31 52.03 -20.23
C LEU A 425 -19.83 51.87 -20.16
N THR A 426 -20.34 51.26 -19.09
CA THR A 426 -21.78 51.13 -18.97
C THR A 426 -22.40 52.49 -18.67
N ALA A 427 -21.68 53.35 -17.93
CA ALA A 427 -22.15 54.70 -17.71
C ALA A 427 -22.42 55.38 -19.04
N GLU A 428 -21.52 55.20 -20.00
CA GLU A 428 -21.69 55.87 -21.28
C GLU A 428 -22.70 55.16 -22.19
N TYR A 429 -22.62 53.84 -22.27
CA TYR A 429 -23.37 53.12 -23.30
C TYR A 429 -24.65 52.49 -22.79
N GLY A 430 -24.82 52.47 -21.48
CA GLY A 430 -26.00 51.83 -20.89
C GLY A 430 -25.85 50.33 -20.98
N GLY A 431 -26.89 49.68 -21.48
CA GLY A 431 -26.96 48.22 -21.52
C GLY A 431 -27.89 47.82 -20.38
N THR A 432 -28.57 46.70 -20.58
CA THR A 432 -29.48 46.11 -19.60
C THR A 432 -28.84 44.87 -18.97
N PRO A 433 -28.82 44.77 -17.64
CA PRO A 433 -28.30 43.54 -17.04
C PRO A 433 -29.23 42.34 -17.28
N LEU A 434 -28.73 41.12 -17.15
CA LEU A 434 -29.55 39.90 -17.27
C LEU A 434 -30.57 39.79 -16.15
N ALA A 435 -31.84 39.65 -16.51
CA ALA A 435 -32.93 39.63 -15.52
C ALA A 435 -32.91 38.48 -14.54
N ASN A 436 -32.60 37.28 -15.00
CA ASN A 436 -32.80 36.15 -14.10
C ASN A 436 -31.47 35.60 -13.58
N PHE A 437 -30.57 36.50 -13.20
CA PHE A 437 -29.16 36.12 -13.05
C PHE A 437 -28.79 35.89 -11.58
N PRO A 438 -28.09 34.78 -11.28
CA PRO A 438 -27.65 33.70 -12.14
C PRO A 438 -28.76 32.66 -12.30
N PRO A 439 -28.81 31.99 -13.47
CA PRO A 439 -29.74 30.89 -13.71
C PRO A 439 -29.27 29.65 -12.96
N PRO A 440 -30.20 28.77 -12.59
CA PRO A 440 -29.85 27.58 -11.82
C PRO A 440 -29.00 26.63 -12.66
N GLU A 441 -28.05 25.97 -12.02
CA GLU A 441 -27.19 25.01 -12.69
C GLU A 441 -27.84 23.63 -12.79
N GLN A 442 -27.47 22.91 -13.85
CA GLN A 442 -27.72 21.48 -13.93
C GLN A 442 -26.82 20.79 -12.92
N ARG A 443 -27.40 20.02 -12.01
CA ARG A 443 -26.62 19.30 -11.02
C ARG A 443 -26.40 17.85 -11.45
N ASP A 444 -25.37 17.24 -10.88
CA ASP A 444 -25.23 15.79 -11.01
C ASP A 444 -25.31 15.18 -9.61
N ASP A 445 -25.14 13.86 -9.50
CA ASP A 445 -25.35 13.18 -8.23
C ASP A 445 -24.25 13.47 -7.21
N GLU A 446 -24.66 13.71 -5.97
CA GLU A 446 -23.73 14.08 -4.90
C GLU A 446 -23.41 12.96 -3.91
N PHE A 447 -24.43 12.47 -3.23
CA PHE A 447 -24.29 11.35 -2.30
C PHE A 447 -24.99 10.13 -2.89
N PHE A 448 -24.26 9.03 -2.98
CA PHE A 448 -24.81 7.83 -3.62
C PHE A 448 -23.91 6.64 -3.34
N VAL A 449 -24.46 5.45 -3.47
CA VAL A 449 -23.66 4.22 -3.44
C VAL A 449 -23.28 3.73 -4.84
N GLU A 450 -22.03 3.32 -4.98
CA GLU A 450 -21.60 2.49 -6.10
C GLU A 450 -21.46 1.08 -5.53
N ALA A 451 -22.00 0.09 -6.22
CA ALA A 451 -21.96 -1.29 -5.73
C ALA A 451 -21.64 -2.29 -6.83
N ALA A 452 -21.15 -3.47 -6.43
CA ALA A 452 -20.86 -4.56 -7.32
C ALA A 452 -21.08 -5.85 -6.55
N ILE A 453 -21.43 -6.90 -7.30
CA ILE A 453 -21.44 -8.24 -6.75
C ILE A 453 -19.98 -8.64 -6.58
N ASN A 454 -19.56 -8.80 -5.32
CA ASN A 454 -18.18 -9.15 -5.04
C ASN A 454 -17.97 -10.67 -5.16
N GLN A 455 -19.00 -11.42 -4.81
CA GLN A 455 -19.03 -12.87 -4.97
C GLN A 455 -20.47 -13.31 -4.82
N ALA A 456 -20.89 -14.21 -5.71
CA ALA A 456 -22.21 -14.83 -5.61
C ALA A 456 -21.99 -16.31 -5.33
N SER A 457 -22.89 -16.90 -4.56
CA SER A 457 -22.76 -18.31 -4.21
C SER A 457 -24.15 -18.90 -4.07
N ASP A 458 -24.28 -20.23 -4.11
CA ASP A 458 -25.62 -20.78 -3.91
C ASP A 458 -26.16 -20.58 -2.50
N HIS A 459 -25.33 -20.08 -1.58
CA HIS A 459 -25.84 -19.76 -0.26
C HIS A 459 -25.56 -18.37 0.29
N PHE A 460 -24.93 -17.49 -0.50
CA PHE A 460 -24.73 -16.10 -0.06
C PHE A 460 -24.63 -15.09 -1.21
N THR A 461 -24.87 -13.82 -0.86
CA THR A 461 -24.53 -12.68 -1.71
C THR A 461 -23.45 -11.87 -0.99
N GLU A 462 -22.40 -11.48 -1.69
CA GLU A 462 -21.39 -10.60 -1.09
C GLU A 462 -21.30 -9.36 -1.95
N ILE A 463 -21.44 -8.21 -1.30
CA ILE A 463 -21.50 -6.91 -1.97
C ILE A 463 -20.26 -6.09 -1.63
N LYS A 464 -19.66 -5.46 -2.65
CA LYS A 464 -18.71 -4.38 -2.43
C LYS A 464 -19.49 -3.07 -2.62
N ALA A 465 -19.47 -2.22 -1.60
CA ALA A 465 -20.23 -0.97 -1.67
C ALA A 465 -19.39 0.24 -1.27
N LEU A 466 -19.47 1.29 -2.09
CA LEU A 466 -18.74 2.52 -1.85
C LEU A 466 -19.74 3.64 -1.64
N LEU A 467 -19.82 4.15 -0.42
CA LEU A 467 -20.70 5.29 -0.13
C LEU A 467 -19.92 6.57 -0.46
N ASN A 468 -20.43 7.30 -1.45
CA ASN A 468 -19.76 8.45 -2.05
C ASN A 468 -20.25 9.81 -1.50
N ASN A 469 -19.31 10.70 -1.25
CA ASN A 469 -19.59 12.14 -1.13
C ASN A 469 -18.84 12.91 -2.20
N ARG A 470 -19.55 13.19 -3.30
CA ARG A 470 -19.06 14.03 -4.37
C ARG A 470 -19.89 15.31 -4.42
N SER A 471 -20.25 15.81 -3.25
CA SER A 471 -21.06 17.02 -3.17
C SER A 471 -20.39 18.25 -3.80
N SER A 472 -21.22 19.18 -4.27
CA SER A 472 -20.71 20.36 -4.97
C SER A 472 -21.69 21.53 -4.98
N TRP A 473 -22.94 21.34 -4.56
CA TRP A 473 -23.94 22.43 -4.59
C TRP A 473 -24.53 22.74 -3.22
N PRO A 474 -23.71 23.22 -2.26
CA PRO A 474 -22.25 23.37 -2.31
C PRO A 474 -21.59 22.10 -1.79
N ALA A 475 -20.29 21.96 -2.01
CA ALA A 475 -19.55 20.90 -1.33
C ALA A 475 -19.87 20.95 0.16
N ARG A 476 -20.07 19.80 0.81
CA ARG A 476 -20.53 19.81 2.19
C ARG A 476 -20.29 18.46 2.83
N LEU A 477 -20.50 18.44 4.14
CA LEU A 477 -20.25 17.29 5.00
C LEU A 477 -21.58 16.89 5.65
N ILE A 478 -21.89 15.60 5.59
CA ILE A 478 -23.03 15.03 6.29
C ILE A 478 -22.53 14.00 7.30
N LYS A 479 -22.88 14.19 8.57
CA LYS A 479 -22.42 13.27 9.61
C LYS A 479 -23.24 11.97 9.67
N ASP A 480 -24.56 12.09 9.61
CA ASP A 480 -25.42 10.93 9.88
C ASP A 480 -25.74 10.19 8.59
N LEU A 481 -24.71 9.67 7.93
CA LEU A 481 -24.92 9.00 6.64
C LEU A 481 -25.22 7.53 6.86
N SER A 482 -26.16 7.00 6.07
CA SER A 482 -26.42 5.56 6.04
C SER A 482 -26.96 5.16 4.67
N TYR A 483 -26.90 3.85 4.40
CA TYR A 483 -27.60 3.34 3.24
C TYR A 483 -28.20 1.98 3.56
N ASN A 484 -29.19 1.58 2.78
CA ASN A 484 -29.90 0.33 3.03
C ASN A 484 -29.73 -0.67 1.88
N TYR A 485 -29.63 -1.95 2.24
CA TYR A 485 -29.61 -3.04 1.27
C TYR A 485 -30.85 -3.92 1.52
N TYR A 486 -31.76 -3.92 0.56
CA TYR A 486 -33.04 -4.59 0.68
C TYR A 486 -33.09 -5.94 -0.02
N MET A 487 -33.73 -6.89 0.65
CA MET A 487 -33.86 -8.27 0.18
C MET A 487 -35.30 -8.74 0.29
N ASP A 488 -35.66 -9.71 -0.55
CA ASP A 488 -36.90 -10.44 -0.42
C ASP A 488 -36.53 -11.83 0.12
N LEU A 489 -37.05 -12.14 1.30
CA LEU A 489 -36.70 -13.40 1.96
C LEU A 489 -37.78 -14.47 1.80
N THR A 490 -38.65 -14.31 0.81
CA THR A 490 -39.71 -15.28 0.52
C THR A 490 -39.16 -16.70 0.39
N GLU A 491 -38.09 -16.87 -0.37
CA GLU A 491 -37.51 -18.19 -0.63
C GLU A 491 -36.87 -18.83 0.61
N VAL A 492 -36.51 -18.00 1.57
CA VAL A 492 -35.93 -18.47 2.83
C VAL A 492 -37.03 -19.16 3.62
N PHE A 493 -38.15 -18.47 3.78
CA PHE A 493 -39.28 -19.00 4.54
C PHE A 493 -39.90 -20.23 3.88
N GLU A 494 -39.97 -20.23 2.55
CA GLU A 494 -40.55 -21.35 1.82
C GLU A 494 -39.73 -22.63 1.91
N ALA A 495 -38.41 -22.49 2.03
CA ALA A 495 -37.49 -23.60 2.26
C ALA A 495 -37.48 -24.08 3.71
N GLY A 496 -38.22 -23.38 4.58
CA GLY A 496 -38.39 -23.78 5.98
C GLY A 496 -37.41 -23.12 6.94
N TYR A 497 -36.75 -22.07 6.47
CA TYR A 497 -35.76 -21.36 7.27
C TYR A 497 -36.34 -20.04 7.78
N SER A 498 -35.60 -19.40 8.68
CA SER A 498 -36.03 -18.13 9.26
CA SER A 498 -36.02 -18.15 9.32
C SER A 498 -34.94 -17.07 9.18
N VAL A 499 -35.29 -15.84 9.51
CA VAL A 499 -34.35 -14.72 9.43
C VAL A 499 -33.09 -14.96 10.26
N ASP A 500 -33.22 -15.64 11.40
CA ASP A 500 -32.08 -15.93 12.24
C ASP A 500 -31.12 -17.00 11.68
N ASP A 501 -31.48 -17.58 10.54
CA ASP A 501 -30.61 -18.52 9.85
C ASP A 501 -29.69 -17.80 8.85
N ILE A 502 -29.92 -16.50 8.70
CA ILE A 502 -29.16 -15.72 7.71
C ILE A 502 -28.11 -14.91 8.47
N LYS A 503 -26.85 -15.05 8.08
CA LYS A 503 -25.73 -14.43 8.80
C LYS A 503 -25.12 -13.28 7.99
N VAL A 504 -24.92 -12.15 8.64
CA VAL A 504 -24.21 -10.99 8.05
C VAL A 504 -22.78 -10.98 8.56
N THR A 505 -21.83 -10.93 7.62
CA THR A 505 -20.44 -10.83 7.98
C THR A 505 -19.78 -9.76 7.11
N ILE A 506 -18.54 -9.43 7.45
CA ILE A 506 -17.80 -8.37 6.77
C ILE A 506 -16.51 -8.99 6.25
N GLY A 507 -16.20 -8.69 4.98
CA GLY A 507 -14.99 -9.17 4.34
C GLY A 507 -13.93 -8.11 4.17
N TYR A 508 -14.31 -6.84 4.29
CA TYR A 508 -13.36 -5.71 4.28
C TYR A 508 -14.09 -4.47 4.75
N CYS A 509 -13.42 -3.68 5.58
CA CYS A 509 -13.98 -2.36 5.91
C CYS A 509 -12.84 -1.36 6.00
N GLU A 510 -12.99 -0.29 5.22
CA GLU A 510 -11.91 0.68 4.99
C GLU A 510 -11.46 1.37 6.27
N SER A 511 -10.14 1.48 6.44
CA SER A 511 -9.59 2.11 7.64
C SER A 511 -10.05 3.54 7.88
N GLY A 512 -10.39 3.83 9.14
CA GLY A 512 -10.80 5.16 9.59
C GLY A 512 -12.25 5.53 9.33
N MET A 513 -13.03 4.55 8.85
CA MET A 513 -14.44 4.78 8.59
C MET A 513 -15.27 3.99 9.61
N ASP A 514 -15.51 4.60 10.78
CA ASP A 514 -16.27 3.98 11.87
C ASP A 514 -17.67 3.63 11.37
N VAL A 515 -18.03 2.33 11.36
CA VAL A 515 -19.24 1.85 10.70
C VAL A 515 -19.95 0.78 11.52
N GLU A 516 -21.27 0.74 11.41
CA GLU A 516 -22.04 -0.37 11.95
C GLU A 516 -23.02 -0.89 10.90
N ILE A 517 -23.33 -2.18 11.01
CA ILE A 517 -24.34 -2.81 10.18
C ILE A 517 -25.45 -3.28 11.10
N SER A 518 -26.69 -2.91 10.77
CA SER A 518 -27.81 -3.30 11.61
C SER A 518 -28.08 -4.80 11.46
N PRO A 519 -28.82 -5.40 12.42
CA PRO A 519 -29.36 -6.72 12.16
C PRO A 519 -30.36 -6.64 10.99
N ILE A 520 -30.70 -7.78 10.41
CA ILE A 520 -31.68 -7.83 9.32
C ILE A 520 -33.04 -7.44 9.88
N THR A 521 -33.66 -6.44 9.24
CA THR A 521 -34.81 -5.73 9.77
C THR A 521 -35.99 -5.81 8.82
N HIS A 522 -37.16 -6.09 9.39
CA HIS A 522 -38.37 -6.17 8.59
C HIS A 522 -38.82 -4.81 8.08
N LEU A 523 -39.12 -4.74 6.80
CA LEU A 523 -39.78 -3.58 6.22
C LEU A 523 -41.30 -3.87 6.15
N TYR A 524 -41.72 -4.61 5.13
CA TYR A 524 -43.11 -5.08 5.04
C TYR A 524 -43.14 -6.41 4.29
N ASP A 525 -44.16 -7.22 4.58
CA ASP A 525 -44.32 -8.52 3.93
C ASP A 525 -43.08 -9.38 4.09
N ASN A 526 -42.51 -9.87 2.99
CA ASN A 526 -41.25 -10.62 3.07
C ASN A 526 -40.01 -9.77 2.76
N ILE A 527 -40.17 -8.45 2.81
CA ILE A 527 -39.06 -7.53 2.51
C ILE A 527 -38.31 -7.13 3.77
N TYR A 528 -36.99 -7.34 3.73
CA TYR A 528 -36.13 -7.06 4.87
C TYR A 528 -34.94 -6.25 4.41
N TYR A 529 -34.20 -5.64 5.34
CA TYR A 529 -33.01 -4.89 4.96
C TYR A 529 -31.97 -4.85 6.07
N ILE A 530 -30.74 -4.52 5.67
CA ILE A 530 -29.73 -4.08 6.62
C ILE A 530 -29.43 -2.63 6.28
N LYS A 531 -29.12 -1.88 7.32
CA LYS A 531 -28.68 -0.51 7.17
C LYS A 531 -27.20 -0.49 7.55
N ILE A 532 -26.41 0.16 6.71
CA ILE A 532 -24.98 0.40 6.94
C ILE A 532 -24.88 1.87 7.33
N SER A 533 -24.41 2.15 8.56
CA SER A 533 -24.33 3.52 9.09
C SER A 533 -22.89 3.93 9.36
N TYR A 534 -22.49 5.11 8.90
CA TYR A 534 -21.18 5.66 9.23
C TYR A 534 -21.39 6.69 10.31
N ILE A 535 -20.80 6.41 11.47
CA ILE A 535 -21.10 7.16 12.68
C ILE A 535 -20.58 8.59 12.54
N ASP A 536 -19.39 8.75 11.97
CA ASP A 536 -18.96 10.08 11.58
C ASP A 536 -18.81 10.18 10.07
N GLY A 537 -19.95 10.33 9.42
CA GLY A 537 -19.94 10.42 7.97
C GLY A 537 -19.19 11.62 7.41
N THR A 538 -18.79 12.59 8.23
CA THR A 538 -18.06 13.73 7.66
C THR A 538 -16.69 13.30 7.13
N ASN A 539 -16.25 12.11 7.57
CA ASN A 539 -14.98 11.57 7.07
C ASN A 539 -15.08 11.05 5.66
N ILE A 540 -16.31 10.97 5.15
CA ILE A 540 -16.53 10.71 3.74
C ILE A 540 -16.68 12.09 3.14
N CYS A 541 -15.66 12.56 2.42
CA CYS A 541 -15.65 13.93 1.92
C CYS A 541 -14.80 14.05 0.66
N PRO A 542 -15.16 15.03 -0.20
CA PRO A 542 -14.50 15.08 -1.50
C PRO A 542 -13.13 15.75 -1.48
N ILE A 543 -12.17 15.17 -0.76
CA ILE A 543 -10.87 15.81 -0.53
C ILE A 543 -9.66 15.07 -1.10
N GLY A 544 -9.94 13.92 -1.72
CA GLY A 544 -8.89 13.10 -2.31
C GLY A 544 -9.37 11.69 -2.59
N GLN A 545 -8.44 10.89 -3.12
CA GLN A 545 -8.71 9.56 -3.61
C GLN A 545 -9.24 8.60 -2.54
N GLU A 546 -8.72 8.70 -1.32
CA GLU A 546 -9.12 7.79 -0.25
C GLU A 546 -10.44 8.20 0.37
N GLN A 547 -10.68 9.51 0.47
CA GLN A 547 -11.69 10.04 1.37
C GLN A 547 -13.07 10.21 0.74
N TYR A 548 -13.15 10.28 -0.60
CA TYR A 548 -14.42 10.62 -1.23
C TYR A 548 -15.47 9.51 -1.15
N ALA A 549 -15.04 8.28 -0.84
CA ALA A 549 -16.01 7.22 -0.64
C ALA A 549 -15.47 6.27 0.43
N ALA A 550 -16.39 5.67 1.18
CA ALA A 550 -16.01 4.59 2.10
C ALA A 550 -16.42 3.22 1.55
N GLU A 551 -15.45 2.30 1.49
CA GLU A 551 -15.67 0.94 0.98
C GLU A 551 -15.97 -0.04 2.10
N LEU A 552 -17.03 -0.81 1.91
CA LEU A 552 -17.37 -1.93 2.77
C LEU A 552 -17.66 -3.15 1.88
N GLN A 553 -17.20 -4.33 2.30
CA GLN A 553 -17.59 -5.58 1.65
C GLN A 553 -18.37 -6.35 2.71
N PHE A 554 -19.64 -6.60 2.42
CA PHE A 554 -20.46 -7.35 3.37
C PHE A 554 -21.05 -8.57 2.69
N ARG A 555 -21.24 -9.61 3.50
CA ARG A 555 -21.82 -10.86 3.03
C ARG A 555 -23.08 -11.17 3.82
N ILE A 556 -24.13 -11.57 3.11
CA ILE A 556 -25.38 -12.02 3.72
C ILE A 556 -25.55 -13.47 3.28
N ALA A 557 -25.55 -14.40 4.24
CA ALA A 557 -25.38 -15.82 3.92
C ALA A 557 -26.41 -16.71 4.60
N ALA A 558 -27.04 -17.57 3.82
CA ALA A 558 -27.76 -18.73 4.35
C ALA A 558 -26.72 -19.79 4.71
N PRO A 559 -27.12 -20.81 5.47
CA PRO A 559 -26.14 -21.82 5.91
C PRO A 559 -25.43 -22.50 4.74
N GLN A 560 -24.13 -22.76 4.90
CA GLN A 560 -23.38 -23.51 3.91
C GLN A 560 -24.08 -24.85 3.67
N GLY A 561 -24.21 -25.22 2.39
CA GLY A 561 -24.88 -26.46 2.00
C GLY A 561 -26.32 -26.29 1.58
N THR A 562 -26.95 -25.17 1.94
CA THR A 562 -28.30 -24.89 1.48
C THR A 562 -28.34 -24.40 0.03
N LYS A 563 -29.49 -24.57 -0.61
CA LYS A 563 -29.62 -24.35 -2.05
C LYS A 563 -30.77 -23.41 -2.40
N PHE A 564 -31.29 -22.68 -1.41
CA PHE A 564 -32.46 -21.82 -1.63
C PHE A 564 -32.18 -20.34 -1.90
N TRP A 565 -31.03 -19.83 -1.46
CA TRP A 565 -30.76 -18.39 -1.50
C TRP A 565 -31.00 -17.84 -2.91
N ASP A 566 -31.82 -16.80 -3.02
CA ASP A 566 -32.14 -16.24 -4.33
C ASP A 566 -32.02 -14.71 -4.31
N PRO A 567 -30.87 -14.19 -4.75
CA PRO A 567 -30.70 -12.73 -4.77
C PRO A 567 -31.50 -12.05 -5.88
N THR A 568 -31.92 -12.81 -6.89
CA THR A 568 -32.59 -12.26 -8.08
C THR A 568 -33.96 -11.63 -7.82
N ASN A 569 -34.51 -11.81 -6.61
CA ASN A 569 -35.74 -11.11 -6.25
C ASN A 569 -35.52 -10.04 -5.18
N ASP A 570 -34.25 -9.73 -4.92
CA ASP A 570 -33.89 -8.75 -3.89
C ASP A 570 -33.81 -7.35 -4.51
N PHE A 571 -34.52 -6.41 -3.89
CA PHE A 571 -34.63 -5.04 -4.41
C PHE A 571 -33.26 -4.40 -4.68
N SER A 572 -32.31 -4.58 -3.77
CA SER A 572 -31.02 -3.93 -3.94
C SER A 572 -30.02 -4.64 -4.84
N TYR A 573 -30.34 -5.86 -5.26
CA TYR A 573 -29.51 -6.60 -6.21
C TYR A 573 -29.75 -6.19 -7.66
N GLN A 574 -30.86 -5.49 -7.91
CA GLN A 574 -31.27 -5.19 -9.28
C GLN A 574 -30.18 -4.45 -10.04
N GLY A 575 -29.82 -4.95 -11.20
CA GLY A 575 -28.87 -4.28 -12.09
C GLY A 575 -27.41 -4.38 -11.72
N LEU A 576 -27.11 -4.97 -10.55
CA LEU A 576 -25.71 -5.07 -10.13
C LEU A 576 -24.92 -6.01 -11.03
N THR A 577 -23.69 -5.61 -11.32
CA THR A 577 -22.76 -6.45 -12.07
C THR A 577 -21.55 -6.67 -11.17
N ARG A 578 -20.49 -7.22 -11.75
CA ARG A 578 -19.26 -7.47 -11.04
C ARG A 578 -18.30 -6.28 -11.08
N GLU A 579 -18.74 -5.21 -11.75
CA GLU A 579 -17.99 -3.95 -11.77
C GLU A 579 -18.76 -2.90 -11.00
N LEU A 580 -18.05 -2.07 -10.24
CA LEU A 580 -18.68 -1.01 -9.46
C LEU A 580 -19.50 -0.09 -10.35
N ALA A 581 -20.71 0.20 -9.92
CA ALA A 581 -21.57 1.15 -10.62
C ALA A 581 -22.51 1.82 -9.62
N LYS A 582 -22.80 3.10 -9.85
CA LYS A 582 -23.81 3.79 -9.08
C LYS A 582 -25.12 3.00 -9.12
N THR A 583 -25.78 2.89 -7.97
CA THR A 583 -27.08 2.23 -7.93
C THR A 583 -28.10 3.03 -7.15
N LYS A 584 -29.28 3.18 -7.74
CA LYS A 584 -30.33 3.90 -7.05
C LYS A 584 -31.09 3.02 -6.08
N TYR A 585 -30.81 1.71 -6.11
CA TYR A 585 -31.52 0.75 -5.28
C TYR A 585 -30.92 0.45 -3.89
N MET A 586 -29.82 1.12 -3.57
CA MET A 586 -29.27 1.15 -2.22
C MET A 586 -29.33 2.60 -1.73
N PRO A 587 -30.53 3.03 -1.32
CA PRO A 587 -30.74 4.45 -1.03
C PRO A 587 -29.89 4.96 0.13
N VAL A 588 -29.50 6.23 0.02
CA VAL A 588 -28.69 6.91 1.02
C VAL A 588 -29.58 7.84 1.82
N PHE A 589 -29.29 7.92 3.12
CA PHE A 589 -30.03 8.73 4.10
C PHE A 589 -29.09 9.65 4.90
N ASP A 590 -29.58 10.86 5.16
CA ASP A 590 -28.98 11.77 6.11
C ASP A 590 -29.96 11.75 7.28
N GLY A 591 -29.56 11.16 8.40
CA GLY A 591 -30.50 10.84 9.47
C GLY A 591 -31.62 9.99 8.90
N ALA A 592 -32.87 10.36 9.18
CA ALA A 592 -34.03 9.68 8.62
C ALA A 592 -34.52 10.20 7.25
N THR A 593 -33.81 11.16 6.66
CA THR A 593 -34.20 11.75 5.39
C THR A 593 -33.49 11.08 4.23
N LYS A 594 -34.23 10.51 3.28
CA LYS A 594 -33.62 9.94 2.08
C LYS A 594 -33.11 11.06 1.18
N ILE A 595 -31.84 10.96 0.82
CA ILE A 595 -31.18 11.94 -0.04
C ILE A 595 -30.81 11.42 -1.45
N PHE A 596 -30.86 10.11 -1.66
CA PHE A 596 -30.66 9.55 -3.00
C PHE A 596 -31.33 8.18 -3.13
N GLY A 597 -31.91 7.89 -4.29
CA GLY A 597 -32.31 6.51 -4.61
C GLY A 597 -33.78 6.23 -4.37
N GLU A 598 -34.13 4.95 -4.34
CA GLU A 598 -35.50 4.49 -4.28
C GLU A 598 -35.60 3.40 -3.23
N VAL A 599 -36.81 3.20 -2.69
CA VAL A 599 -37.07 2.14 -1.73
C VAL A 599 -38.13 1.20 -2.29
N PRO A 600 -38.21 -0.04 -1.76
CA PRO A 600 -39.25 -0.96 -2.20
C PRO A 600 -40.64 -0.40 -1.99
N GLY A 601 -41.46 -0.40 -3.04
CA GLY A 601 -42.84 0.06 -2.94
C GLY A 601 -42.97 1.57 -3.07
N GLY A 602 -41.84 2.23 -3.30
CA GLY A 602 -41.80 3.67 -3.53
C GLY A 602 -42.32 4.52 -2.38
N LEU A 603 -42.75 5.73 -2.71
CA LEU A 603 -43.14 6.75 -1.74
C LEU A 603 -44.33 6.39 -0.84
N SER B 4 37.29 -41.08 17.92
CA SER B 4 36.18 -41.73 18.68
C SER B 4 35.07 -40.77 19.10
N TYR B 5 33.86 -41.25 18.87
CA TYR B 5 32.63 -40.49 19.03
C TYR B 5 31.68 -41.59 19.42
N ASN B 6 30.53 -41.22 19.94
CA ASN B 6 29.44 -42.15 20.09
C ASN B 6 28.75 -42.27 18.73
N TYR B 7 29.23 -43.21 17.92
CA TYR B 7 28.65 -43.44 16.59
C TYR B 7 27.22 -43.93 16.70
N ALA B 8 26.84 -44.63 17.76
CA ALA B 8 25.44 -45.05 17.91
C ALA B 8 24.48 -43.87 18.04
N GLU B 9 24.91 -42.85 18.76
CA GLU B 9 24.12 -41.64 18.93
C GLU B 9 24.09 -40.89 17.61
N ALA B 10 25.24 -40.83 16.93
CA ALA B 10 25.23 -40.17 15.62
C ALA B 10 24.27 -40.88 14.65
N LEU B 11 24.32 -42.21 14.61
CA LEU B 11 23.38 -43.02 13.83
C LEU B 11 21.92 -42.76 14.18
N GLN B 12 21.63 -42.83 15.47
CA GLN B 12 20.29 -42.55 15.96
C GLN B 12 19.75 -41.24 15.42
N LYS B 13 20.55 -40.18 15.55
CA LYS B 13 20.13 -38.89 15.05
C LYS B 13 20.05 -38.84 13.51
N ALA B 14 21.04 -39.40 12.81
CA ALA B 14 21.05 -39.41 11.35
C ALA B 14 19.83 -40.11 10.74
N ILE B 15 19.28 -41.11 11.44
CA ILE B 15 18.05 -41.78 11.00
C ILE B 15 16.84 -40.88 11.27
N TYR B 16 16.80 -40.33 12.48
CA TYR B 16 15.73 -39.41 12.89
C TYR B 16 15.53 -38.26 11.91
N PHE B 17 16.62 -37.77 11.30
CA PHE B 17 16.49 -36.77 10.26
C PHE B 17 15.39 -37.13 9.25
N TYR B 18 15.34 -38.39 8.83
CA TYR B 18 14.34 -38.74 7.81
C TYR B 18 12.88 -38.59 8.25
N GLU B 19 12.65 -38.74 9.56
CA GLU B 19 11.33 -38.48 10.12
C GLU B 19 10.95 -37.02 10.01
N CYS B 20 11.96 -36.15 10.09
CA CYS B 20 11.70 -34.72 9.89
C CYS B 20 11.27 -34.38 8.45
N GLN B 21 11.67 -35.25 7.53
CA GLN B 21 11.43 -35.09 6.10
C GLN B 21 10.12 -35.68 5.59
N GLN B 22 9.38 -36.41 6.43
CA GLN B 22 8.21 -37.14 5.92
C GLN B 22 7.05 -36.25 5.50
N ALA B 23 6.54 -36.50 4.29
CA ALA B 23 5.33 -35.84 3.85
C ALA B 23 4.12 -36.59 4.41
N GLY B 24 2.96 -35.94 4.40
CA GLY B 24 1.78 -36.56 5.02
C GLY B 24 1.19 -37.63 4.11
N PRO B 25 0.48 -38.60 4.70
CA PRO B 25 0.24 -38.73 6.13
C PRO B 25 1.43 -39.34 6.89
N LEU B 26 1.73 -38.76 8.04
CA LEU B 26 2.80 -39.32 8.85
C LEU B 26 2.43 -40.69 9.41
N PRO B 27 3.43 -41.58 9.53
CA PRO B 27 3.15 -42.85 10.23
C PRO B 27 3.00 -42.58 11.74
N GLU B 28 2.33 -43.49 12.43
CA GLU B 28 2.03 -43.26 13.84
C GLU B 28 3.27 -43.16 14.71
N TRP B 29 4.36 -43.76 14.24
CA TRP B 29 5.61 -43.83 14.99
C TRP B 29 6.50 -42.61 14.77
N ASN B 30 6.06 -41.67 13.92
CA ASN B 30 6.88 -40.48 13.71
C ASN B 30 7.18 -39.81 15.05
N ARG B 31 8.46 -39.49 15.27
CA ARG B 31 8.93 -39.01 16.56
C ARG B 31 9.11 -37.50 16.66
N VAL B 32 8.64 -36.77 15.66
CA VAL B 32 8.99 -35.36 15.51
C VAL B 32 7.81 -34.50 15.94
N GLU B 33 7.92 -33.86 17.11
CA GLU B 33 6.76 -33.15 17.66
C GLU B 33 6.31 -31.95 16.83
N TRP B 34 7.22 -31.46 16.00
CA TRP B 34 6.96 -30.31 15.16
C TRP B 34 6.64 -30.65 13.70
N ARG B 35 6.32 -31.92 13.47
CA ARG B 35 5.83 -32.35 12.17
C ARG B 35 4.42 -32.92 12.29
N GLY B 36 3.54 -32.44 11.42
CA GLY B 36 2.19 -32.94 11.30
C GLY B 36 1.94 -33.40 9.87
N ASP B 37 0.73 -33.87 9.60
CA ASP B 37 0.36 -34.24 8.24
C ASP B 37 0.49 -32.99 7.38
N ALA B 38 1.22 -33.12 6.29
CA ALA B 38 1.42 -32.00 5.39
C ALA B 38 1.23 -32.49 3.97
N THR B 39 0.97 -31.52 3.10
CA THR B 39 0.76 -31.75 1.67
C THR B 39 -0.17 -32.93 1.36
N MET B 40 -1.29 -32.96 2.06
CA MET B 40 -2.26 -34.06 1.92
C MET B 40 -3.05 -34.06 0.62
N ASN B 41 -2.95 -32.99 -0.16
CA ASN B 41 -3.58 -32.94 -1.48
C ASN B 41 -2.59 -33.33 -2.57
N ASP B 42 -1.41 -33.81 -2.21
CA ASP B 42 -0.47 -34.26 -3.23
C ASP B 42 -0.99 -35.45 -4.05
N GLU B 43 -0.56 -35.51 -5.30
CA GLU B 43 -1.00 -36.59 -6.21
C GLU B 43 -0.55 -37.95 -5.66
N VAL B 44 0.64 -38.00 -5.07
CA VAL B 44 1.14 -39.19 -4.40
C VAL B 44 1.49 -38.80 -2.97
N LEU B 45 0.91 -39.50 -2.01
CA LEU B 45 1.09 -39.14 -0.58
C LEU B 45 2.35 -39.82 -0.03
N GLY B 46 2.81 -39.33 1.12
CA GLY B 46 3.99 -39.88 1.80
C GLY B 46 5.29 -39.54 1.09
N GLY B 47 6.30 -40.36 1.32
CA GLY B 47 7.64 -40.07 0.81
C GLY B 47 8.28 -38.92 1.58
N TRP B 48 9.45 -38.52 1.13
CA TRP B 48 10.25 -37.50 1.77
C TRP B 48 10.32 -36.21 0.96
N TYR B 49 10.17 -35.06 1.63
CA TYR B 49 10.65 -33.83 1.03
C TYR B 49 12.16 -33.93 0.82
N ASP B 50 12.67 -33.32 -0.24
CA ASP B 50 14.06 -33.58 -0.60
C ASP B 50 15.09 -33.02 0.39
N ALA B 51 14.95 -31.73 0.68
CA ALA B 51 15.99 -31.00 1.39
C ALA B 51 15.32 -30.14 2.45
N GLY B 52 15.65 -28.85 2.49
CA GLY B 52 14.97 -27.89 3.38
C GLY B 52 13.76 -27.24 2.71
N ASP B 53 13.35 -27.83 1.59
CA ASP B 53 12.20 -27.47 0.77
C ASP B 53 11.09 -28.53 0.90
N HIS B 54 10.10 -28.43 0.01
CA HIS B 54 8.95 -29.33 0.07
C HIS B 54 8.68 -30.04 -1.25
N VAL B 55 9.67 -30.12 -2.14
CA VAL B 55 9.51 -30.87 -3.38
C VAL B 55 9.79 -32.34 -3.08
N LYS B 56 9.03 -33.23 -3.72
CA LYS B 56 9.33 -34.65 -3.80
C LYS B 56 10.07 -34.88 -5.11
N PHE B 57 11.38 -35.10 -5.04
CA PHE B 57 12.24 -35.33 -6.21
C PHE B 57 12.58 -36.83 -6.21
N ASN B 58 12.00 -37.63 -7.11
CA ASN B 58 12.12 -39.08 -6.99
C ASN B 58 13.53 -39.62 -7.20
N LEU B 59 14.34 -38.96 -8.04
CA LEU B 59 15.70 -39.47 -8.26
C LEU B 59 16.55 -39.50 -6.97
N PRO B 60 16.74 -38.35 -6.29
CA PRO B 60 17.48 -38.42 -5.02
C PRO B 60 16.68 -39.11 -3.90
N MET B 61 15.36 -39.10 -3.96
CA MET B 61 14.59 -39.82 -2.93
C MET B 61 14.81 -41.32 -3.03
N ALA B 62 14.69 -41.85 -4.24
CA ALA B 62 14.97 -43.27 -4.46
C ALA B 62 16.44 -43.61 -4.17
N TYR B 63 17.38 -42.78 -4.62
CA TYR B 63 18.80 -43.02 -4.29
C TYR B 63 18.98 -43.15 -2.79
N SER B 64 18.37 -42.23 -2.04
CA SER B 64 18.53 -42.21 -0.59
C SER B 64 17.96 -43.49 -0.01
N ALA B 65 16.79 -43.91 -0.53
CA ALA B 65 16.23 -45.16 -0.02
C ALA B 65 17.10 -46.36 -0.40
N ALA B 66 17.66 -46.38 -1.61
CA ALA B 66 18.55 -47.47 -2.03
C ALA B 66 19.72 -47.55 -1.06
N MET B 67 20.26 -46.40 -0.68
CA MET B 67 21.42 -46.35 0.24
C MET B 67 21.09 -46.80 1.65
N LEU B 68 19.89 -46.46 2.12
CA LEU B 68 19.48 -46.98 3.42
C LEU B 68 19.29 -48.49 3.37
N GLY B 69 18.73 -48.98 2.26
CA GLY B 69 18.66 -50.43 2.04
C GLY B 69 20.03 -51.08 2.04
N TRP B 70 20.98 -50.45 1.36
CA TRP B 70 22.34 -50.98 1.30
C TRP B 70 22.98 -51.03 2.70
N ALA B 71 22.77 -49.98 3.51
CA ALA B 71 23.22 -49.99 4.90
C ALA B 71 22.69 -51.22 5.64
N LEU B 72 21.39 -51.48 5.56
CA LEU B 72 20.78 -52.65 6.18
C LEU B 72 21.34 -53.93 5.60
N TYR B 73 21.53 -53.95 4.28
CA TYR B 73 22.02 -55.15 3.61
C TYR B 73 23.37 -55.59 4.17
N GLU B 74 24.24 -54.63 4.42
CA GLU B 74 25.61 -54.89 4.89
C GLU B 74 25.70 -55.11 6.39
N TYR B 75 24.99 -54.27 7.16
CA TYR B 75 25.32 -54.06 8.57
C TYR B 75 24.11 -54.20 9.49
N GLY B 76 22.96 -54.55 8.93
CA GLY B 76 21.72 -54.69 9.71
C GLY B 76 21.80 -55.63 10.92
N ASP B 77 22.48 -56.75 10.74
CA ASP B 77 22.66 -57.73 11.81
C ASP B 77 23.75 -57.36 12.82
N ASP B 78 24.53 -56.32 12.51
CA ASP B 78 25.73 -55.98 13.26
C ASP B 78 25.54 -54.78 14.15
N ILE B 79 24.33 -54.22 14.11
CA ILE B 79 24.01 -53.00 14.84
C ILE B 79 22.95 -53.21 15.91
N GLU B 80 23.01 -54.33 16.61
CA GLU B 80 22.00 -54.59 17.65
C GLU B 80 22.21 -53.72 18.90
N ALA B 81 23.47 -53.56 19.30
CA ALA B 81 23.79 -52.78 20.49
C ALA B 81 23.26 -51.36 20.38
N SER B 82 23.14 -50.86 19.15
CA SER B 82 22.76 -49.46 18.95
C SER B 82 21.26 -49.24 19.13
N GLY B 83 20.46 -50.29 19.03
CA GLY B 83 19.00 -50.17 19.02
C GLY B 83 18.36 -49.50 17.82
N GLN B 84 19.09 -49.38 16.71
CA GLN B 84 18.63 -48.54 15.60
C GLN B 84 18.07 -49.30 14.40
N ARG B 85 18.18 -50.62 14.42
CA ARG B 85 17.73 -51.40 13.26
C ARG B 85 16.27 -51.18 12.90
N LEU B 86 15.38 -51.24 13.89
CA LEU B 86 13.96 -51.07 13.63
C LEU B 86 13.66 -49.67 13.10
N HIS B 87 14.36 -48.67 13.65
CA HIS B 87 14.13 -47.30 13.22
C HIS B 87 14.50 -47.16 11.76
N LEU B 88 15.66 -47.71 11.39
CA LEU B 88 16.14 -47.61 10.01
C LEU B 88 15.20 -48.36 9.06
N GLU B 89 14.78 -49.54 9.51
CA GLU B 89 13.87 -50.35 8.70
C GLU B 89 12.56 -49.65 8.35
N ARG B 90 11.87 -49.14 9.37
CA ARG B 90 10.57 -48.53 9.09
C ARG B 90 10.68 -47.18 8.38
N ASN B 91 11.77 -46.47 8.63
CA ASN B 91 12.00 -45.26 7.84
C ASN B 91 12.20 -45.57 6.37
N LEU B 92 12.95 -46.62 6.05
CA LEU B 92 13.10 -47.06 4.67
C LEU B 92 11.76 -47.46 4.03
N ALA B 93 10.98 -48.27 4.75
CA ALA B 93 9.68 -48.71 4.23
C ALA B 93 8.78 -47.52 3.86
N PHE B 94 8.83 -46.45 4.65
CA PHE B 94 8.04 -45.26 4.38
C PHE B 94 8.34 -44.70 3.00
N ALA B 95 9.63 -44.58 2.66
CA ALA B 95 10.00 -44.12 1.32
C ALA B 95 9.65 -45.13 0.24
N LEU B 96 9.91 -46.41 0.50
CA LEU B 96 9.58 -47.41 -0.52
C LEU B 96 8.10 -47.47 -0.87
N ASP B 97 7.25 -47.30 0.15
CA ASP B 97 5.81 -47.26 -0.06
C ASP B 97 5.45 -46.14 -1.03
N TYR B 98 6.10 -44.99 -0.87
CA TYR B 98 5.92 -43.88 -1.82
C TYR B 98 6.31 -44.26 -3.25
N LEU B 99 7.45 -44.92 -3.38
CA LEU B 99 7.87 -45.38 -4.71
C LEU B 99 6.88 -46.32 -5.40
N VAL B 100 6.31 -47.25 -4.62
CA VAL B 100 5.27 -48.12 -5.15
C VAL B 100 4.03 -47.32 -5.57
N ALA B 101 3.63 -46.36 -4.73
CA ALA B 101 2.44 -45.55 -4.98
C ALA B 101 2.58 -44.60 -6.18
N CYS B 102 3.80 -44.40 -6.68
CA CYS B 102 4.01 -43.61 -7.90
C CYS B 102 3.69 -44.35 -9.19
N ASP B 103 3.45 -45.65 -9.12
CA ASP B 103 3.20 -46.44 -10.34
C ASP B 103 1.98 -45.91 -11.11
N ARG B 104 2.14 -45.70 -12.41
CA ARG B 104 1.04 -45.27 -13.28
C ARG B 104 0.96 -46.15 -14.53
N GLY B 105 1.42 -47.38 -14.37
CA GLY B 105 1.26 -48.36 -15.46
C GLY B 105 2.38 -48.26 -16.48
N ASP B 106 2.24 -47.34 -17.42
CA ASP B 106 3.21 -47.19 -18.50
C ASP B 106 4.23 -46.11 -18.19
N SER B 107 4.22 -45.64 -16.95
CA SER B 107 4.96 -44.46 -16.53
C SER B 107 4.84 -44.38 -15.02
N VAL B 108 5.48 -43.39 -14.41
CA VAL B 108 5.39 -43.16 -12.95
C VAL B 108 5.25 -41.67 -12.70
N VAL B 109 4.66 -41.34 -11.55
CA VAL B 109 4.78 -39.99 -11.02
C VAL B 109 6.25 -39.87 -10.56
N TYR B 110 6.98 -38.88 -11.04
CA TYR B 110 8.39 -38.77 -10.64
C TYR B 110 8.74 -37.49 -9.89
N GLN B 111 7.74 -36.62 -9.74
CA GLN B 111 7.95 -35.40 -8.97
C GLN B 111 6.62 -34.90 -8.46
N ILE B 112 6.62 -34.36 -7.24
CA ILE B 112 5.51 -33.59 -6.72
C ILE B 112 6.07 -32.23 -6.34
N GLY B 113 5.53 -31.17 -6.93
CA GLY B 113 5.98 -29.81 -6.63
C GLY B 113 6.72 -29.20 -7.82
N ASP B 114 6.57 -27.88 -7.96
CA ASP B 114 7.34 -27.06 -8.90
C ASP B 114 8.53 -26.46 -8.12
N GLY B 115 9.75 -26.81 -8.50
CA GLY B 115 10.94 -26.41 -7.78
C GLY B 115 11.01 -24.90 -7.63
N ALA B 116 10.74 -24.17 -8.70
CA ALA B 116 10.83 -22.71 -8.58
C ALA B 116 9.85 -22.09 -7.59
N ALA B 117 8.60 -22.49 -7.66
CA ALA B 117 7.58 -21.93 -6.78
C ALA B 117 7.85 -22.38 -5.36
N ASP B 118 8.24 -23.64 -5.19
CA ASP B 118 8.48 -24.17 -3.85
C ASP B 118 9.58 -23.37 -3.20
N HIS B 119 10.66 -23.16 -3.94
CA HIS B 119 11.83 -22.53 -3.33
C HIS B 119 11.69 -21.04 -3.06
N LYS B 120 10.77 -20.40 -3.78
CA LYS B 120 10.54 -18.96 -3.62
C LYS B 120 9.90 -18.63 -2.26
N TRP B 121 9.31 -19.62 -1.62
CA TRP B 121 8.53 -19.39 -0.40
C TRP B 121 9.24 -20.03 0.78
N TRP B 122 9.24 -19.33 1.91
CA TRP B 122 9.92 -19.79 3.13
C TRP B 122 8.85 -19.99 4.24
N GLY B 123 8.52 -21.24 4.54
CA GLY B 123 7.54 -21.52 5.60
C GLY B 123 7.41 -23.01 5.83
N SER B 124 6.50 -23.38 6.71
CA SER B 124 6.45 -24.77 7.21
C SER B 124 5.59 -25.68 6.33
N ALA B 125 5.99 -26.94 6.24
CA ALA B 125 5.34 -27.90 5.34
C ALA B 125 3.82 -27.93 5.50
N GLU B 126 3.37 -27.87 6.76
CA GLU B 126 1.96 -28.08 7.07
C GLU B 126 1.05 -26.98 6.56
N VAL B 127 1.62 -25.86 6.14
CA VAL B 127 0.79 -24.74 5.70
C VAL B 127 1.03 -24.34 4.24
N ILE B 128 1.85 -25.09 3.51
CA ILE B 128 2.22 -24.70 2.17
C ILE B 128 1.04 -24.67 1.19
N GLU B 129 0.04 -25.51 1.41
CA GLU B 129 -1.13 -25.53 0.52
C GLU B 129 -1.95 -24.26 0.62
N LYS B 130 -1.78 -23.51 1.70
CA LYS B 130 -2.40 -22.18 1.77
C LYS B 130 -1.72 -21.14 0.89
N GLU B 131 -0.49 -21.43 0.50
CA GLU B 131 0.34 -20.53 -0.29
C GLU B 131 0.27 -20.87 -1.77
N MET B 132 0.28 -22.17 -2.09
CA MET B 132 0.38 -22.53 -3.50
C MET B 132 -0.24 -23.89 -3.77
N THR B 133 -0.56 -24.12 -5.04
CA THR B 133 -1.04 -25.41 -5.54
C THR B 133 0.17 -26.15 -6.11
N ARG B 134 0.29 -27.43 -5.77
CA ARG B 134 1.46 -28.24 -6.09
C ARG B 134 1.21 -29.19 -7.27
N PRO B 135 1.86 -28.94 -8.40
CA PRO B 135 1.62 -29.84 -9.54
C PRO B 135 2.36 -31.15 -9.38
N TYR B 136 1.99 -32.15 -10.17
CA TYR B 136 2.71 -33.42 -10.21
C TYR B 136 3.22 -33.64 -11.64
N PHE B 137 4.22 -34.51 -11.78
CA PHE B 137 4.80 -34.77 -13.10
C PHE B 137 4.95 -36.26 -13.32
N VAL B 138 4.58 -36.73 -14.51
CA VAL B 138 4.59 -38.13 -14.86
CA VAL B 138 4.61 -38.15 -14.86
C VAL B 138 5.51 -38.39 -16.06
N GLY B 139 6.24 -39.50 -16.03
CA GLY B 139 7.11 -39.87 -17.16
C GLY B 139 7.70 -41.24 -16.93
N LYS B 140 8.71 -41.57 -17.72
CA LYS B 140 9.37 -42.88 -17.62
C LYS B 140 10.89 -42.74 -17.82
N GLY B 141 11.48 -41.66 -17.32
CA GLY B 141 12.93 -41.47 -17.49
C GLY B 141 13.70 -42.66 -16.99
N SER B 142 14.67 -43.14 -17.76
CA SER B 142 15.38 -44.35 -17.37
C SER B 142 16.18 -44.17 -16.09
N ALA B 143 16.78 -42.99 -15.90
CA ALA B 143 17.54 -42.80 -14.67
C ALA B 143 16.64 -42.81 -13.44
N VAL B 144 15.57 -42.01 -13.46
CA VAL B 144 14.69 -41.98 -12.28
C VAL B 144 13.96 -43.29 -12.03
N VAL B 145 13.44 -43.88 -13.10
CA VAL B 145 12.76 -45.17 -12.96
C VAL B 145 13.74 -46.27 -12.55
N GLY B 146 14.95 -46.24 -13.11
CA GLY B 146 15.94 -47.26 -12.78
C GLY B 146 16.37 -47.12 -11.33
N GLN B 147 16.54 -45.89 -10.82
CA GLN B 147 16.87 -45.75 -9.41
C GLN B 147 15.72 -46.17 -8.50
N MET B 148 14.49 -45.86 -8.87
CA MET B 148 13.33 -46.40 -8.14
C MET B 148 13.39 -47.93 -8.09
N ALA B 149 13.73 -48.55 -9.22
CA ALA B 149 13.85 -50.02 -9.29
C ALA B 149 14.92 -50.52 -8.31
N ALA B 150 16.08 -49.86 -8.32
CA ALA B 150 17.16 -50.30 -7.45
C ALA B 150 16.76 -50.22 -5.98
N ALA B 151 16.11 -49.11 -5.63
CA ALA B 151 15.73 -48.91 -4.23
C ALA B 151 14.78 -50.02 -3.77
N LEU B 152 13.80 -50.34 -4.61
CA LEU B 152 12.83 -51.40 -4.30
C LEU B 152 13.44 -52.79 -4.35
N ALA B 153 14.48 -53.00 -5.17
CA ALA B 153 15.15 -54.30 -5.20
C ALA B 153 15.91 -54.52 -3.89
N VAL B 154 16.76 -53.57 -3.46
CA VAL B 154 17.45 -53.80 -2.18
C VAL B 154 16.46 -53.80 -1.03
N GLY B 155 15.44 -52.95 -1.07
CA GLY B 155 14.42 -52.94 -0.01
C GLY B 155 13.72 -54.28 0.11
N SER B 156 13.46 -54.95 -1.00
CA SER B 156 12.77 -56.26 -0.99
C SER B 156 13.59 -57.28 -0.20
N ILE B 157 14.92 -57.14 -0.27
CA ILE B 157 15.83 -58.07 0.40
C ILE B 157 15.78 -57.80 1.89
N VAL B 158 16.13 -56.57 2.26
CA VAL B 158 16.28 -56.27 3.66
C VAL B 158 14.99 -56.19 4.46
N LEU B 159 13.88 -55.93 3.77
CA LEU B 159 12.58 -55.87 4.44
C LEU B 159 11.75 -57.13 4.15
N LYS B 160 12.35 -58.12 3.49
CA LYS B 160 11.68 -59.38 3.17
C LYS B 160 10.28 -59.15 2.60
N ASN B 161 10.24 -58.43 1.48
CA ASN B 161 8.99 -57.92 0.94
C ASN B 161 8.82 -58.22 -0.55
N ASP B 162 7.91 -59.14 -0.86
CA ASP B 162 7.65 -59.57 -2.22
C ASP B 162 7.07 -58.46 -3.08
N THR B 163 6.25 -57.60 -2.49
CA THR B 163 5.63 -56.52 -3.24
C THR B 163 6.71 -55.58 -3.76
N TYR B 164 7.65 -55.23 -2.90
CA TYR B 164 8.76 -54.38 -3.33
C TYR B 164 9.51 -55.02 -4.49
N LEU B 165 9.68 -56.35 -4.43
CA LEU B 165 10.37 -57.06 -5.51
C LEU B 165 9.63 -57.00 -6.85
N ARG B 166 8.32 -57.18 -6.81
CA ARG B 166 7.52 -57.12 -8.02
C ARG B 166 7.63 -55.73 -8.64
N TYR B 167 7.53 -54.69 -7.82
CA TYR B 167 7.64 -53.33 -8.37
C TYR B 167 9.03 -53.00 -8.87
N ALA B 168 10.06 -53.47 -8.16
CA ALA B 168 11.44 -53.35 -8.62
C ALA B 168 11.64 -53.88 -10.05
N LYS B 169 11.11 -55.07 -10.31
CA LYS B 169 11.23 -55.71 -11.62
C LYS B 169 10.44 -54.93 -12.66
N LYS B 170 9.23 -54.53 -12.29
CA LYS B 170 8.42 -53.74 -13.21
C LYS B 170 9.09 -52.42 -13.59
N TYR B 171 9.67 -51.75 -12.60
CA TYR B 171 10.34 -50.46 -12.86
C TYR B 171 11.63 -50.69 -13.64
N PHE B 172 12.36 -51.76 -13.33
CA PHE B 172 13.60 -52.03 -14.06
C PHE B 172 13.28 -52.25 -15.54
N GLU B 173 12.25 -53.05 -15.80
CA GLU B 173 11.84 -53.36 -17.17
C GLU B 173 11.41 -52.11 -17.91
N LEU B 174 10.62 -51.25 -17.27
CA LEU B 174 10.24 -49.96 -17.86
C LEU B 174 11.47 -49.12 -18.20
N ALA B 175 12.39 -49.00 -17.25
CA ALA B 175 13.60 -48.21 -17.51
C ALA B 175 14.46 -48.76 -18.63
N ASP B 176 14.54 -50.09 -18.68
CA ASP B 176 15.38 -50.77 -19.64
C ASP B 176 14.71 -50.79 -21.02
N ALA B 177 13.40 -50.78 -21.07
CA ALA B 177 12.69 -50.67 -22.35
C ALA B 177 12.81 -49.27 -22.94
N THR B 178 12.75 -48.27 -22.07
CA THR B 178 12.68 -46.87 -22.49
C THR B 178 14.03 -46.36 -22.96
N ARG B 179 15.08 -46.71 -22.22
CA ARG B 179 16.44 -46.25 -22.53
C ARG B 179 16.49 -44.80 -23.03
N SER B 180 15.96 -43.92 -22.20
CA SER B 180 15.93 -42.49 -22.48
C SER B 180 15.55 -41.70 -21.25
N ASP B 181 16.19 -40.56 -21.08
CA ASP B 181 15.77 -39.60 -20.06
C ASP B 181 14.92 -38.47 -20.65
N SER B 182 14.42 -38.62 -21.87
CA SER B 182 13.70 -37.51 -22.53
C SER B 182 12.43 -37.10 -21.80
N THR B 183 11.80 -38.05 -21.11
CA THR B 183 10.60 -37.74 -20.34
C THR B 183 10.84 -37.27 -18.90
N TYR B 184 12.11 -37.07 -18.56
CA TYR B 184 12.48 -36.62 -17.23
C TYR B 184 12.84 -35.13 -17.31
N THR B 185 11.88 -34.27 -16.97
CA THR B 185 12.00 -32.84 -17.30
C THR B 185 11.78 -31.90 -16.11
N ALA B 186 10.89 -32.27 -15.19
CA ALA B 186 10.47 -31.34 -14.15
C ALA B 186 11.54 -31.07 -13.10
N ALA B 187 12.58 -31.90 -13.07
CA ALA B 187 13.68 -31.73 -12.10
C ALA B 187 14.84 -30.95 -12.71
N ASN B 188 14.67 -30.43 -13.93
CA ASN B 188 15.78 -29.75 -14.59
C ASN B 188 16.42 -28.67 -13.74
N GLY B 189 17.74 -28.73 -13.61
CA GLY B 189 18.46 -27.70 -12.87
C GLY B 189 18.47 -27.94 -11.36
N PHE B 190 17.66 -28.89 -10.90
CA PHE B 190 17.67 -29.35 -9.51
C PHE B 190 18.35 -30.69 -9.43
N TYR B 191 17.82 -31.65 -10.18
CA TYR B 191 18.37 -33.00 -10.23
C TYR B 191 18.38 -33.50 -11.66
N SER B 192 18.95 -32.71 -12.56
CA SER B 192 19.11 -33.15 -13.94
C SER B 192 19.94 -34.42 -13.98
N SER B 193 19.65 -35.25 -14.97
CA SER B 193 20.43 -36.46 -15.22
C SER B 193 21.72 -36.06 -15.91
N HIS B 194 22.84 -36.04 -15.18
CA HIS B 194 24.09 -35.61 -15.80
C HIS B 194 24.86 -36.74 -16.47
N SER B 195 24.89 -37.90 -15.81
CA SER B 195 25.69 -39.04 -16.26
C SER B 195 24.96 -39.86 -17.30
N GLY B 196 23.67 -39.61 -17.50
CA GLY B 196 22.88 -40.48 -18.34
C GLY B 196 22.32 -41.59 -17.49
N PHE B 197 21.76 -42.61 -18.12
CA PHE B 197 20.96 -43.60 -17.41
C PHE B 197 21.61 -44.97 -17.36
N TRP B 198 22.73 -45.18 -18.05
CA TRP B 198 23.30 -46.52 -18.06
C TRP B 198 23.74 -46.99 -16.68
N ASP B 199 24.20 -46.04 -15.87
CA ASP B 199 24.61 -46.39 -14.53
C ASP B 199 23.42 -46.83 -13.67
N GLU B 200 22.25 -46.23 -13.86
CA GLU B 200 21.08 -46.70 -13.11
C GLU B 200 20.66 -48.10 -13.51
N LEU B 201 20.74 -48.40 -14.80
CA LEU B 201 20.41 -49.75 -15.23
C LEU B 201 21.41 -50.76 -14.65
N LEU B 202 22.69 -50.43 -14.62
CA LEU B 202 23.67 -51.27 -13.97
C LEU B 202 23.39 -51.45 -12.47
N TRP B 203 23.04 -50.36 -11.79
CA TRP B 203 22.81 -50.41 -10.34
C TRP B 203 21.55 -51.23 -10.03
N ALA B 204 20.49 -50.96 -10.77
CA ALA B 204 19.24 -51.74 -10.61
C ALA B 204 19.37 -53.24 -10.95
N SER B 205 20.02 -53.57 -12.05
CA SER B 205 20.19 -54.98 -12.42
C SER B 205 21.10 -55.71 -11.46
N THR B 206 22.09 -55.02 -10.91
CA THR B 206 22.97 -55.59 -9.89
C THR B 206 22.14 -55.94 -8.67
N TRP B 207 21.33 -54.99 -8.21
CA TRP B 207 20.52 -55.29 -7.03
C TRP B 207 19.50 -56.39 -7.28
N LEU B 208 18.95 -56.42 -8.50
CA LEU B 208 17.98 -57.48 -8.79
C LEU B 208 18.67 -58.85 -8.79
N TYR B 209 19.94 -58.87 -9.19
CA TYR B 209 20.72 -60.11 -9.13
C TYR B 209 20.92 -60.52 -7.67
N LEU B 210 21.31 -59.58 -6.83
CA LEU B 210 21.50 -59.91 -5.43
C LEU B 210 20.19 -60.31 -4.76
N ALA B 211 19.06 -59.81 -5.26
CA ALA B 211 17.77 -60.13 -4.67
C ALA B 211 17.31 -61.53 -5.07
N THR B 212 17.56 -61.88 -6.33
CA THR B 212 16.93 -63.07 -6.93
C THR B 212 17.85 -64.26 -7.14
N GLY B 213 19.13 -63.99 -7.38
CA GLY B 213 20.11 -65.02 -7.77
C GLY B 213 19.98 -65.39 -9.24
N ASP B 214 19.12 -64.68 -9.96
CA ASP B 214 18.84 -64.96 -11.36
C ASP B 214 19.97 -64.38 -12.20
N ARG B 215 20.83 -65.26 -12.70
CA ARG B 215 22.01 -64.81 -13.44
C ARG B 215 21.69 -64.00 -14.69
N ASN B 216 20.44 -64.02 -15.12
CA ASN B 216 20.05 -63.18 -16.23
C ASN B 216 20.24 -61.70 -15.90
N TYR B 217 20.08 -61.35 -14.63
CA TYR B 217 20.29 -59.98 -14.16
C TYR B 217 21.77 -59.63 -14.07
N LEU B 218 22.57 -60.60 -13.68
CA LEU B 218 24.02 -60.44 -13.74
C LEU B 218 24.48 -60.21 -15.17
N ASP B 219 23.98 -61.01 -16.10
CA ASP B 219 24.32 -60.81 -17.51
C ASP B 219 23.94 -59.43 -18.02
N LYS B 220 22.75 -58.95 -17.64
CA LYS B 220 22.35 -57.61 -18.03
C LYS B 220 23.28 -56.57 -17.39
N ALA B 221 23.61 -56.73 -16.11
CA ALA B 221 24.50 -55.80 -15.41
C ALA B 221 25.81 -55.67 -16.16
N GLU B 222 26.42 -56.80 -16.48
CA GLU B 222 27.72 -56.76 -17.15
C GLU B 222 27.64 -56.17 -18.55
N SER B 223 26.50 -56.36 -19.22
CA SER B 223 26.27 -55.80 -20.55
C SER B 223 26.26 -54.27 -20.56
N TYR B 224 26.02 -53.65 -19.39
CA TYR B 224 25.96 -52.20 -19.30
C TYR B 224 27.31 -51.50 -19.07
N THR B 225 28.30 -52.22 -18.58
CA THR B 225 29.56 -51.55 -18.21
C THR B 225 30.30 -50.91 -19.40
N PRO B 226 30.24 -51.51 -20.60
CA PRO B 226 30.83 -50.78 -21.72
C PRO B 226 30.15 -49.47 -22.11
N LYS B 227 28.91 -49.29 -21.64
CA LYS B 227 28.12 -48.11 -21.96
C LYS B 227 28.36 -46.97 -20.96
N LEU B 228 29.06 -47.30 -19.87
CA LEU B 228 29.34 -46.29 -18.85
C LEU B 228 30.26 -45.20 -19.42
N ASN B 229 30.19 -44.02 -18.82
CA ASN B 229 31.04 -42.94 -19.24
C ASN B 229 32.50 -43.25 -18.94
N ARG B 230 33.35 -42.69 -19.79
CA ARG B 230 34.79 -42.87 -19.66
C ARG B 230 35.40 -41.76 -18.80
N GLN B 231 36.58 -42.03 -18.26
CA GLN B 231 37.34 -40.99 -17.58
C GLN B 231 38.01 -40.14 -18.66
N ASN B 232 37.56 -38.90 -18.78
CA ASN B 232 38.07 -37.96 -19.76
C ASN B 232 38.08 -38.57 -21.16
N GLN B 233 39.23 -38.59 -21.83
CA GLN B 233 39.23 -39.11 -23.19
C GLN B 233 39.79 -40.53 -23.24
N THR B 234 39.90 -41.17 -22.08
CA THR B 234 40.60 -42.44 -21.96
C THR B 234 39.65 -43.62 -22.15
N THR B 235 40.19 -44.83 -22.06
CA THR B 235 39.37 -46.04 -22.16
C THR B 235 38.82 -46.52 -20.83
N ASP B 236 39.30 -45.95 -19.72
CA ASP B 236 38.85 -46.36 -18.40
C ASP B 236 37.42 -45.89 -18.14
N ILE B 237 36.66 -46.72 -17.44
CA ILE B 237 35.36 -46.30 -16.86
C ILE B 237 35.62 -45.11 -15.92
N GLU B 238 34.74 -44.10 -15.94
CA GLU B 238 34.92 -42.93 -15.07
C GLU B 238 35.04 -43.35 -13.61
N TYR B 239 36.08 -42.80 -12.96
CA TYR B 239 36.34 -43.11 -11.55
C TYR B 239 36.56 -41.88 -10.68
N GLN B 240 36.79 -40.72 -11.30
CA GLN B 240 37.15 -39.50 -10.56
C GLN B 240 35.94 -38.68 -10.15
N TRP B 241 35.06 -39.32 -9.39
CA TRP B 241 33.88 -38.65 -8.82
C TRP B 241 33.37 -39.52 -7.67
N ALA B 242 32.22 -39.16 -7.10
CA ALA B 242 31.66 -39.94 -6.00
C ALA B 242 30.38 -40.65 -6.40
N HIS B 243 30.17 -41.81 -5.80
CA HIS B 243 28.84 -42.44 -5.80
C HIS B 243 27.86 -41.41 -5.26
N CYS B 244 26.73 -41.24 -5.94
CA CYS B 244 25.81 -40.18 -5.56
C CYS B 244 24.49 -40.37 -6.27
N TRP B 245 23.54 -39.48 -5.96
CA TRP B 245 22.18 -39.60 -6.51
C TRP B 245 22.09 -39.66 -8.04
N ASP B 246 23.07 -39.08 -8.72
CA ASP B 246 23.11 -39.07 -10.18
C ASP B 246 23.78 -40.29 -10.80
N ASP B 247 24.63 -40.94 -10.02
CA ASP B 247 25.52 -41.95 -10.60
C ASP B 247 25.97 -42.94 -9.53
N CYS B 248 25.42 -44.15 -9.58
CA CYS B 248 25.73 -45.23 -8.65
C CYS B 248 26.62 -46.32 -9.26
N HIS B 249 27.32 -46.03 -10.35
CA HIS B 249 28.10 -47.11 -10.95
C HIS B 249 29.28 -47.46 -10.05
N TYR B 250 29.77 -46.50 -9.28
CA TYR B 250 30.89 -46.72 -8.36
C TYR B 250 30.61 -47.86 -7.38
N GLY B 251 29.51 -47.73 -6.65
CA GLY B 251 29.07 -48.79 -5.75
C GLY B 251 28.69 -50.08 -6.44
N ALA B 252 28.06 -49.99 -7.60
CA ALA B 252 27.69 -51.18 -8.38
C ALA B 252 28.93 -52.03 -8.71
N MET B 253 30.03 -51.37 -9.07
CA MET B 253 31.27 -52.08 -9.40
C MET B 253 31.84 -52.81 -8.18
N ILE B 254 31.78 -52.18 -7.00
CA ILE B 254 32.18 -52.77 -5.72
C ILE B 254 31.32 -54.00 -5.40
N LEU B 255 30.01 -53.89 -5.58
CA LEU B 255 29.12 -55.04 -5.41
C LEU B 255 29.45 -56.19 -6.36
N LEU B 256 29.79 -55.85 -7.60
CA LEU B 256 30.12 -56.86 -8.62
C LEU B 256 31.48 -57.50 -8.36
N ALA B 257 32.42 -56.74 -7.83
CA ALA B 257 33.70 -57.32 -7.39
C ALA B 257 33.47 -58.41 -6.37
N ARG B 258 32.69 -58.12 -5.34
CA ARG B 258 32.39 -59.16 -4.35
C ARG B 258 31.54 -60.33 -4.90
N ALA B 259 30.52 -60.04 -5.71
CA ALA B 259 29.62 -61.06 -6.22
C ALA B 259 30.28 -62.02 -7.19
N THR B 260 31.13 -61.50 -8.08
CA THR B 260 31.75 -62.29 -9.16
C THR B 260 33.21 -62.66 -8.89
N GLY B 261 33.88 -61.88 -8.05
CA GLY B 261 35.32 -62.02 -7.83
C GLY B 261 36.18 -61.60 -9.01
N LYS B 262 35.56 -61.08 -10.06
CA LYS B 262 36.28 -60.81 -11.30
C LYS B 262 37.27 -59.65 -11.21
N GLU B 263 38.44 -59.83 -11.82
CA GLU B 263 39.53 -58.87 -11.74
C GLU B 263 39.16 -57.45 -12.20
N GLU B 264 38.35 -57.36 -13.25
CA GLU B 264 37.97 -56.06 -13.81
C GLU B 264 37.26 -55.19 -12.79
N TYR B 265 36.45 -55.80 -11.94
CA TYR B 265 35.70 -55.04 -10.92
C TYR B 265 36.62 -54.61 -9.79
N HIS B 266 37.51 -55.50 -9.38
CA HIS B 266 38.51 -55.15 -8.38
C HIS B 266 39.48 -54.07 -8.84
N LYS B 267 39.89 -54.13 -10.10
CA LYS B 267 40.76 -53.11 -10.67
C LYS B 267 40.05 -51.75 -10.63
N PHE B 268 38.79 -51.73 -11.06
CA PHE B 268 38.03 -50.49 -11.00
C PHE B 268 37.90 -49.99 -9.56
N ALA B 269 37.55 -50.89 -8.65
CA ALA B 269 37.23 -50.50 -7.28
C ALA B 269 38.46 -49.88 -6.64
N GLN B 270 39.63 -50.49 -6.88
CA GLN B 270 40.84 -49.94 -6.28
C GLN B 270 41.34 -48.65 -6.93
N MET B 271 41.09 -48.52 -8.23
CA MET B 271 41.46 -47.31 -8.95
C MET B 271 40.63 -46.14 -8.39
N HIS B 272 39.32 -46.36 -8.31
CA HIS B 272 38.38 -45.37 -7.77
C HIS B 272 38.70 -45.01 -6.31
N LEU B 273 38.83 -46.01 -5.44
CA LEU B 273 39.07 -45.71 -4.03
C LEU B 273 40.45 -45.12 -3.79
N ASP B 274 41.46 -45.62 -4.50
CA ASP B 274 42.80 -45.06 -4.41
C ASP B 274 42.81 -43.56 -4.72
N TRP B 275 42.05 -43.14 -5.73
CA TRP B 275 41.95 -41.72 -6.08
C TRP B 275 41.37 -40.87 -4.96
N TRP B 276 40.50 -41.48 -4.14
CA TRP B 276 39.96 -40.81 -2.97
C TRP B 276 40.89 -40.74 -1.76
N THR B 277 41.87 -41.66 -1.68
CA THR B 277 42.74 -41.76 -0.52
C THR B 277 43.87 -40.72 -0.61
N PRO B 278 44.46 -40.36 0.54
CA PRO B 278 45.60 -39.44 0.50
C PRO B 278 46.76 -39.92 -0.36
N GLN B 279 46.94 -41.23 -0.54
CA GLN B 279 48.02 -41.73 -1.38
C GLN B 279 47.75 -41.68 -2.89
N GLY B 280 46.47 -41.52 -3.25
CA GLY B 280 46.14 -41.32 -4.67
C GLY B 280 46.25 -42.55 -5.56
N TYR B 281 45.95 -42.33 -6.83
CA TYR B 281 45.98 -43.36 -7.87
C TYR B 281 47.00 -42.87 -8.88
N ASN B 282 48.20 -43.46 -8.85
CA ASN B 282 49.25 -43.05 -9.77
C ASN B 282 49.47 -41.54 -9.85
N GLY B 283 49.54 -40.90 -8.70
CA GLY B 283 49.78 -39.47 -8.61
C GLY B 283 48.54 -38.60 -8.73
N LYS B 284 47.40 -39.22 -8.99
CA LYS B 284 46.15 -38.48 -9.18
C LYS B 284 45.23 -38.69 -7.99
N ARG B 285 44.56 -37.63 -7.58
CA ARG B 285 43.82 -37.68 -6.31
C ARG B 285 42.77 -36.60 -6.24
N VAL B 286 41.66 -36.92 -5.60
CA VAL B 286 40.69 -35.91 -5.16
C VAL B 286 41.43 -34.79 -4.40
N ALA B 287 40.93 -33.56 -4.53
CA ALA B 287 41.42 -32.47 -3.70
C ALA B 287 41.21 -32.75 -2.20
N TYR B 288 42.17 -32.34 -1.36
CA TYR B 288 42.07 -32.45 0.11
C TYR B 288 42.15 -31.06 0.74
N THR B 289 41.31 -30.79 1.74
CA THR B 289 41.52 -29.59 2.53
C THR B 289 42.74 -29.78 3.42
N PRO B 290 43.33 -28.66 3.87
CA PRO B 290 44.44 -28.84 4.80
C PRO B 290 44.05 -29.62 6.05
N GLY B 291 42.78 -29.53 6.44
CA GLY B 291 42.26 -30.23 7.59
C GLY B 291 41.93 -31.69 7.38
N GLY B 292 42.12 -32.17 6.14
CA GLY B 292 42.00 -33.61 5.86
C GLY B 292 40.67 -34.10 5.29
N LEU B 293 39.82 -33.18 4.84
CA LEU B 293 38.59 -33.53 4.18
C LEU B 293 38.85 -33.74 2.68
N ALA B 294 38.46 -34.89 2.14
CA ALA B 294 38.46 -35.14 0.69
C ALA B 294 37.33 -34.26 0.15
N HIS B 295 37.69 -33.30 -0.70
CA HIS B 295 36.76 -32.26 -1.10
C HIS B 295 36.51 -32.23 -2.60
N LEU B 296 35.39 -32.83 -3.02
CA LEU B 296 35.18 -33.16 -4.43
C LEU B 296 34.69 -31.96 -5.23
N ASP B 297 33.94 -31.09 -4.55
CA ASP B 297 33.23 -30.00 -5.22
C ASP B 297 32.72 -29.00 -4.17
N THR B 298 32.35 -27.81 -4.64
CA THR B 298 31.75 -26.76 -3.80
C THR B 298 30.48 -27.22 -3.09
N TRP B 299 29.65 -27.97 -3.81
CA TRP B 299 28.34 -28.37 -3.31
C TRP B 299 28.37 -29.74 -2.64
N GLY B 300 27.96 -29.77 -1.36
CA GLY B 300 27.83 -31.02 -0.62
C GLY B 300 29.09 -31.85 -0.49
N PRO B 301 30.23 -31.20 -0.15
CA PRO B 301 31.46 -32.00 -0.02
C PRO B 301 31.38 -33.08 1.08
N LEU B 302 30.66 -32.80 2.17
CA LEU B 302 30.57 -33.82 3.22
C LEU B 302 29.72 -35.00 2.78
N ARG B 303 28.64 -34.75 2.06
CA ARG B 303 27.82 -35.80 1.46
C ARG B 303 28.69 -36.73 0.60
N TYR B 304 29.52 -36.14 -0.26
CA TYR B 304 30.36 -36.97 -1.11
C TYR B 304 31.38 -37.78 -0.32
N ALA B 305 32.09 -37.13 0.61
CA ALA B 305 33.16 -37.81 1.34
C ALA B 305 32.61 -38.92 2.25
N THR B 306 31.50 -38.66 2.92
CA THR B 306 30.89 -39.67 3.80
C THR B 306 30.29 -40.83 3.01
N THR B 307 29.81 -40.56 1.79
CA THR B 307 29.31 -41.65 0.93
C THR B 307 30.49 -42.52 0.50
N GLU B 308 31.59 -41.88 0.09
CA GLU B 308 32.77 -42.67 -0.25
C GLU B 308 33.30 -43.48 0.93
N ALA B 309 33.17 -42.92 2.15
CA ALA B 309 33.52 -43.70 3.34
C ALA B 309 32.77 -45.01 3.41
N PHE B 310 31.46 -44.96 3.14
CA PHE B 310 30.68 -46.19 3.18
C PHE B 310 31.12 -47.18 2.11
N LEU B 311 31.33 -46.71 0.89
CA LEU B 311 31.92 -47.56 -0.15
C LEU B 311 33.23 -48.21 0.25
N ALA B 312 34.13 -47.40 0.79
CA ALA B 312 35.43 -47.88 1.24
C ALA B 312 35.31 -48.94 2.32
N PHE B 313 34.37 -48.78 3.25
CA PHE B 313 34.18 -49.73 4.32
C PHE B 313 33.71 -51.04 3.73
N VAL B 314 32.74 -50.97 2.84
CA VAL B 314 32.18 -52.20 2.27
C VAL B 314 33.25 -52.93 1.46
N TYR B 315 34.03 -52.20 0.67
CA TYR B 315 35.04 -52.85 -0.17
C TYR B 315 36.14 -53.42 0.74
N ALA B 316 36.57 -52.67 1.74
CA ALA B 316 37.63 -53.18 2.63
C ALA B 316 37.17 -54.42 3.39
N ASP B 317 35.92 -54.42 3.83
CA ASP B 317 35.38 -55.58 4.54
C ASP B 317 35.32 -56.83 3.63
N SER B 318 35.34 -56.62 2.32
CA SER B 318 35.15 -57.70 1.35
CA SER B 318 35.16 -57.67 1.32
C SER B 318 36.47 -58.29 0.85
N ILE B 319 37.59 -57.63 1.14
CA ILE B 319 38.90 -58.11 0.65
C ILE B 319 39.71 -58.68 1.81
N ASN B 320 40.83 -59.32 1.48
CA ASN B 320 41.68 -59.97 2.48
C ASN B 320 42.99 -59.24 2.80
N ASP B 321 43.45 -58.40 1.89
CA ASP B 321 44.77 -57.78 2.02
C ASP B 321 44.79 -56.79 3.17
N PRO B 322 45.54 -57.07 4.25
CA PRO B 322 45.52 -56.22 5.45
C PRO B 322 46.02 -54.79 5.23
N ALA B 323 46.90 -54.60 4.26
CA ALA B 323 47.46 -53.29 3.99
C ALA B 323 46.40 -52.43 3.30
N LEU B 324 45.74 -53.01 2.30
CA LEU B 324 44.68 -52.34 1.58
C LEU B 324 43.48 -52.11 2.50
N LYS B 325 43.17 -53.08 3.36
CA LYS B 325 42.04 -52.93 4.28
C LYS B 325 42.27 -51.72 5.17
N GLN B 326 43.48 -51.60 5.71
CA GLN B 326 43.83 -50.52 6.63
C GLN B 326 43.73 -49.20 5.86
N LYS B 327 44.26 -49.14 4.65
CA LYS B 327 44.27 -47.92 3.85
C LYS B 327 42.85 -47.44 3.61
N TYR B 328 41.97 -48.33 3.20
CA TYR B 328 40.59 -47.93 2.91
C TYR B 328 39.78 -47.65 4.17
N TYR B 329 39.97 -48.46 5.22
CA TYR B 329 39.32 -48.22 6.50
C TYR B 329 39.75 -46.87 7.10
N ASN B 330 41.05 -46.58 7.12
CA ASN B 330 41.54 -45.30 7.63
C ASN B 330 40.98 -44.12 6.84
N PHE B 331 40.96 -44.20 5.50
CA PHE B 331 40.32 -43.15 4.72
C PHE B 331 38.86 -42.95 5.17
N ALA B 332 38.10 -44.03 5.19
CA ALA B 332 36.67 -43.93 5.53
C ALA B 332 36.45 -43.28 6.89
N LYS B 333 37.14 -43.81 7.90
CA LYS B 333 36.94 -43.33 9.28
C LYS B 333 37.35 -41.87 9.42
N SER B 334 38.42 -41.48 8.71
CA SER B 334 38.86 -40.09 8.75
C SER B 334 37.79 -39.12 8.25
N GLN B 335 37.03 -39.54 7.23
CA GLN B 335 36.02 -38.64 6.68
C GLN B 335 34.80 -38.57 7.58
N ILE B 336 34.34 -39.71 8.09
CA ILE B 336 33.24 -39.70 9.05
C ILE B 336 33.63 -38.87 10.27
N ASP B 337 34.83 -39.13 10.79
CA ASP B 337 35.29 -38.38 11.94
C ASP B 337 35.41 -36.87 11.68
N TYR B 338 35.88 -36.47 10.50
CA TYR B 338 35.86 -35.05 10.12
C TYR B 338 34.48 -34.44 10.31
N ALA B 339 33.49 -35.11 9.72
CA ALA B 339 32.10 -34.66 9.82
C ALA B 339 31.61 -34.52 11.27
N LEU B 340 32.11 -35.37 12.18
CA LEU B 340 31.65 -35.39 13.56
C LEU B 340 32.41 -34.44 14.49
N GLY B 341 33.51 -33.89 13.98
CA GLY B 341 34.30 -32.96 14.77
C GLY B 341 35.82 -33.01 14.72
N SER B 342 36.38 -33.96 13.97
CA SER B 342 37.83 -34.10 13.85
C SER B 342 38.30 -33.24 12.69
N ASN B 343 38.33 -31.94 12.95
CA ASN B 343 38.58 -30.93 11.92
C ASN B 343 39.20 -29.72 12.60
N PRO B 344 39.64 -28.74 11.81
CA PRO B 344 40.39 -27.64 12.46
C PRO B 344 39.61 -26.83 13.49
N ASP B 345 38.28 -26.84 13.40
CA ASP B 345 37.42 -26.13 14.37
C ASP B 345 36.86 -27.03 15.45
N ASN B 346 37.28 -28.29 15.48
CA ASN B 346 36.80 -29.25 16.47
C ASN B 346 35.28 -29.29 16.55
N ARG B 347 34.62 -29.02 15.43
CA ARG B 347 33.16 -28.83 15.48
C ARG B 347 32.38 -29.86 14.65
N SER B 348 31.26 -30.33 15.19
CA SER B 348 30.31 -31.18 14.45
C SER B 348 29.65 -30.44 13.30
N TYR B 349 29.57 -31.15 12.18
CA TYR B 349 28.78 -30.70 11.04
C TYR B 349 27.43 -31.40 10.94
N VAL B 350 27.03 -32.03 12.03
CA VAL B 350 25.75 -32.71 12.13
C VAL B 350 24.88 -31.92 13.13
N VAL B 351 23.75 -31.43 12.64
CA VAL B 351 22.83 -30.70 13.48
C VAL B 351 22.43 -31.53 14.70
N GLY B 352 22.44 -30.89 15.86
CA GLY B 352 22.00 -31.48 17.11
C GLY B 352 22.92 -32.57 17.64
N PHE B 353 24.16 -32.61 17.15
CA PHE B 353 25.11 -33.63 17.62
C PHE B 353 26.46 -33.00 17.92
N GLY B 354 27.10 -33.44 19.00
CA GLY B 354 28.51 -33.17 19.20
C GLY B 354 28.81 -31.74 19.64
N ASN B 355 30.06 -31.35 19.47
CA ASN B 355 30.49 -30.02 19.87
C ASN B 355 30.18 -28.97 18.81
N ASN B 356 29.52 -27.89 19.23
CA ASN B 356 29.28 -26.73 18.37
C ASN B 356 28.70 -27.12 16.99
N PRO B 357 27.58 -27.86 16.96
CA PRO B 357 26.91 -28.19 15.71
C PRO B 357 26.31 -26.97 15.02
N PRO B 358 26.04 -27.10 13.72
CA PRO B 358 25.28 -26.04 13.05
C PRO B 358 23.91 -25.87 13.73
N GLN B 359 23.48 -24.62 13.84
CA GLN B 359 22.17 -24.29 14.43
C GLN B 359 21.26 -23.59 13.44
N ARG B 360 21.78 -23.27 12.26
CA ARG B 360 20.99 -22.54 11.27
C ARG B 360 20.95 -23.28 9.91
N PRO B 361 20.59 -24.56 9.92
CA PRO B 361 20.55 -25.27 8.63
C PRO B 361 19.51 -24.60 7.71
N HIS B 362 19.73 -24.72 6.39
CA HIS B 362 18.84 -24.11 5.41
C HIS B 362 17.62 -25.02 5.25
N HIS B 363 16.73 -24.98 6.23
CA HIS B 363 15.58 -25.91 6.33
C HIS B 363 14.37 -25.15 6.82
N ARG B 364 13.36 -25.03 5.96
CA ARG B 364 12.21 -24.18 6.27
C ARG B 364 11.39 -24.66 7.49
N THR B 365 11.06 -25.94 7.53
CA THR B 365 10.21 -26.42 8.60
C THR B 365 10.92 -26.46 9.96
N ALA B 366 12.23 -26.73 10.01
CA ALA B 366 12.93 -26.70 11.30
C ALA B 366 13.05 -25.27 11.76
N HIS B 367 13.12 -24.32 10.82
CA HIS B 367 13.23 -22.91 11.17
C HIS B 367 11.98 -22.41 11.90
N GLY B 368 10.81 -22.67 11.30
CA GLY B 368 9.53 -22.32 11.94
C GLY B 368 9.22 -20.82 11.93
N THR B 369 9.32 -20.20 10.77
CA THR B 369 8.91 -18.81 10.64
C THR B 369 7.39 -18.70 10.47
N TRP B 370 6.91 -17.47 10.60
CA TRP B 370 5.49 -17.21 10.30
C TRP B 370 5.32 -16.13 9.23
N LEU B 371 6.44 -15.64 8.70
CA LEU B 371 6.51 -14.37 7.96
C LEU B 371 7.11 -14.47 6.55
N ASP B 372 7.39 -15.68 6.06
CA ASP B 372 8.10 -15.84 4.79
C ASP B 372 9.41 -15.05 4.74
N LYS B 373 10.17 -15.22 5.82
CA LYS B 373 11.50 -14.65 5.98
C LYS B 373 12.44 -15.67 6.59
N ARG B 374 13.72 -15.55 6.21
CA ARG B 374 14.76 -16.38 6.80
C ARG B 374 15.37 -15.78 8.06
N ASP B 375 15.30 -14.46 8.19
CA ASP B 375 15.97 -13.79 9.29
C ASP B 375 15.16 -13.73 10.57
N ILE B 376 13.85 -14.00 10.50
CA ILE B 376 12.99 -13.94 11.67
C ILE B 376 12.16 -15.23 11.60
N PRO B 377 12.16 -16.05 12.65
CA PRO B 377 12.90 -15.85 13.89
C PRO B 377 14.42 -15.98 13.70
N GLU B 378 15.20 -15.28 14.52
CA GLU B 378 16.65 -15.30 14.39
C GLU B 378 17.33 -16.61 14.79
N LYS B 379 16.62 -17.46 15.55
CA LYS B 379 17.07 -18.79 15.93
C LYS B 379 16.00 -19.76 15.42
N HIS B 380 16.43 -20.94 14.97
CA HIS B 380 15.49 -21.98 14.60
C HIS B 380 14.67 -22.39 15.81
N ARG B 381 13.38 -22.57 15.58
CA ARG B 381 12.53 -22.99 16.68
C ARG B 381 12.55 -24.50 16.94
N HIS B 382 13.12 -25.26 16.00
CA HIS B 382 13.18 -26.71 16.12
C HIS B 382 14.58 -27.21 15.82
N VAL B 383 14.86 -28.41 16.33
CA VAL B 383 16.17 -29.05 16.17
C VAL B 383 16.11 -30.15 15.12
N LEU B 384 16.82 -29.91 14.03
CA LEU B 384 16.86 -30.85 12.90
C LEU B 384 17.92 -31.90 13.20
N TYR B 385 17.69 -32.70 14.23
CA TYR B 385 18.70 -33.64 14.66
C TYR B 385 19.17 -34.55 13.53
N GLY B 386 20.49 -34.72 13.43
CA GLY B 386 21.06 -35.71 12.54
C GLY B 386 21.38 -35.24 11.14
N ALA B 387 20.95 -34.04 10.77
CA ALA B 387 21.20 -33.57 9.41
C ALA B 387 22.68 -33.23 9.20
N LEU B 388 23.29 -33.91 8.22
CA LEU B 388 24.63 -33.56 7.77
C LEU B 388 24.54 -32.37 6.83
N VAL B 389 25.22 -31.28 7.19
CA VAL B 389 25.17 -30.11 6.32
C VAL B 389 26.10 -30.25 5.13
N GLY B 390 25.96 -29.32 4.18
CA GLY B 390 26.87 -29.26 3.06
C GLY B 390 28.35 -29.32 3.46
N GLY B 391 28.74 -28.39 4.33
CA GLY B 391 30.04 -28.38 4.98
C GLY B 391 30.98 -27.26 4.53
N PRO B 392 32.25 -27.37 4.89
CA PRO B 392 33.20 -26.30 4.65
C PRO B 392 33.69 -26.20 3.22
N GLY B 393 34.32 -25.07 2.91
CA GLY B 393 35.03 -24.89 1.66
C GLY B 393 36.33 -25.69 1.59
N ARG B 394 37.02 -25.52 0.46
CA ARG B 394 38.30 -26.18 0.21
C ARG B 394 39.41 -25.84 1.19
N ASP B 395 39.27 -24.71 1.88
CA ASP B 395 40.21 -24.25 2.91
C ASP B 395 39.72 -24.54 4.31
N ASP B 396 38.73 -25.43 4.45
CA ASP B 396 38.09 -25.78 5.73
C ASP B 396 37.22 -24.66 6.31
N SER B 397 36.98 -23.58 5.56
CA SER B 397 36.22 -22.43 6.10
C SER B 397 34.72 -22.68 6.09
N TYR B 398 34.04 -22.14 7.09
CA TYR B 398 32.60 -22.37 7.25
C TYR B 398 32.02 -21.34 8.21
N GLU B 399 30.80 -20.89 7.95
CA GLU B 399 30.02 -20.11 8.90
C GLU B 399 28.59 -20.66 8.91
N ASP B 400 28.03 -20.80 10.11
CA ASP B 400 26.66 -21.28 10.30
C ASP B 400 25.72 -20.10 10.06
N ASN B 401 25.10 -20.10 8.87
CA ASN B 401 24.32 -18.98 8.37
C ASN B 401 23.19 -19.59 7.56
N ILE B 402 21.96 -19.24 7.94
CA ILE B 402 20.78 -19.73 7.21
C ILE B 402 20.77 -19.34 5.73
N GLU B 403 21.41 -18.23 5.41
CA GLU B 403 21.42 -17.76 4.03
C GLU B 403 22.44 -18.50 3.20
N ASP B 404 23.32 -19.28 3.84
CA ASP B 404 24.29 -20.03 3.03
C ASP B 404 23.69 -21.35 2.60
N TYR B 405 23.01 -21.30 1.46
CA TYR B 405 22.27 -22.45 0.93
C TYR B 405 23.23 -23.46 0.30
N VAL B 406 24.53 -23.16 0.33
CA VAL B 406 25.53 -24.15 -0.07
C VAL B 406 26.04 -24.91 1.16
N LYS B 407 26.70 -24.18 2.04
CA LYS B 407 27.36 -24.84 3.16
C LYS B 407 26.40 -25.37 4.21
N ASN B 408 25.22 -24.74 4.32
CA ASN B 408 24.22 -25.18 5.26
C ASN B 408 23.02 -25.88 4.58
N GLU B 409 23.16 -26.32 3.33
CA GLU B 409 22.17 -27.21 2.72
C GLU B 409 22.09 -28.50 3.53
N VAL B 410 20.91 -29.10 3.57
CA VAL B 410 20.69 -30.40 4.21
C VAL B 410 19.83 -31.16 3.22
N ALA B 411 19.94 -32.49 3.16
CA ALA B 411 19.15 -33.24 2.17
C ALA B 411 19.14 -34.73 2.47
N CYS B 412 18.10 -35.40 1.96
CA CYS B 412 18.02 -36.88 1.97
C CYS B 412 19.32 -37.53 1.51
N ASP B 413 19.88 -37.07 0.39
CA ASP B 413 21.02 -37.75 -0.20
C ASP B 413 22.27 -37.48 0.62
N TYR B 414 22.30 -36.35 1.32
CA TYR B 414 23.42 -36.02 2.19
C TYR B 414 23.49 -37.01 3.35
N ASN B 415 22.34 -37.37 3.90
CA ASN B 415 22.34 -38.33 5.01
C ASN B 415 22.51 -39.80 4.66
N ALA B 416 22.37 -40.15 3.38
CA ALA B 416 22.08 -41.55 3.05
C ALA B 416 23.31 -42.46 3.15
N GLY B 417 24.38 -42.15 2.41
CA GLY B 417 25.67 -42.83 2.57
C GLY B 417 26.21 -42.72 3.98
N PHE B 418 26.01 -41.54 4.57
CA PHE B 418 26.43 -41.26 5.93
C PHE B 418 25.84 -42.27 6.91
N VAL B 419 24.55 -42.54 6.83
CA VAL B 419 23.94 -43.56 7.72
C VAL B 419 24.69 -44.90 7.56
N GLY B 420 24.93 -45.30 6.32
CA GLY B 420 25.63 -46.57 6.11
C GLY B 420 26.98 -46.61 6.79
N ALA B 421 27.76 -45.54 6.62
CA ALA B 421 29.06 -45.50 7.26
C ALA B 421 28.95 -45.53 8.78
N LEU B 422 27.93 -44.86 9.29
CA LEU B 422 27.74 -44.85 10.75
C LEU B 422 27.32 -46.24 11.26
N CYS B 423 26.55 -46.98 10.46
CA CYS B 423 26.24 -48.39 10.77
C CYS B 423 27.50 -49.22 10.93
N ARG B 424 28.44 -49.08 10.00
CA ARG B 424 29.72 -49.79 10.06
C ARG B 424 30.52 -49.43 11.30
N LEU B 425 30.61 -48.13 11.64
CA LEU B 425 31.38 -47.70 12.80
C LEU B 425 30.71 -48.07 14.13
N THR B 426 29.39 -47.97 14.23
CA THR B 426 28.76 -48.42 15.48
C THR B 426 28.79 -49.95 15.60
N ALA B 427 28.83 -50.66 14.47
CA ALA B 427 28.94 -52.12 14.53
C ALA B 427 30.23 -52.48 15.23
N GLU B 428 31.29 -51.74 14.94
CA GLU B 428 32.62 -52.00 15.50
C GLU B 428 32.74 -51.51 16.94
N TYR B 429 32.29 -50.28 17.17
CA TYR B 429 32.60 -49.60 18.42
C TYR B 429 31.49 -49.66 19.48
N GLY B 430 30.29 -50.08 19.08
CA GLY B 430 29.25 -50.49 20.04
C GLY B 430 28.77 -49.56 21.15
N GLY B 431 28.54 -48.30 20.80
CA GLY B 431 28.05 -47.27 21.72
C GLY B 431 26.58 -47.37 22.08
N THR B 432 26.17 -46.54 23.03
CA THR B 432 24.81 -46.54 23.57
C THR B 432 24.03 -45.34 23.05
N PRO B 433 22.83 -45.58 22.48
CA PRO B 433 22.04 -44.45 21.98
C PRO B 433 21.45 -43.67 23.15
N LEU B 434 21.04 -42.43 22.88
CA LEU B 434 20.44 -41.58 23.90
C LEU B 434 19.09 -42.12 24.34
N ALA B 435 18.89 -42.20 25.65
CA ALA B 435 17.74 -42.90 26.21
C ALA B 435 16.38 -42.25 25.96
N ASN B 436 16.27 -40.94 26.13
CA ASN B 436 14.94 -40.37 26.07
C ASN B 436 14.88 -39.43 24.89
N PHE B 437 15.30 -39.96 23.74
CA PHE B 437 15.46 -39.15 22.54
C PHE B 437 14.19 -39.20 21.68
N PRO B 438 13.71 -38.05 21.19
CA PRO B 438 14.21 -36.72 21.38
C PRO B 438 13.59 -36.08 22.62
N PRO B 439 14.32 -35.16 23.26
CA PRO B 439 13.80 -34.40 24.39
C PRO B 439 12.81 -33.35 23.91
N PRO B 440 11.84 -32.96 24.74
CA PRO B 440 10.82 -31.99 24.34
C PRO B 440 11.42 -30.59 24.17
N GLU B 441 10.93 -29.86 23.16
CA GLU B 441 11.37 -28.49 22.95
C GLU B 441 10.61 -27.50 23.82
N GLN B 442 11.25 -26.36 24.11
CA GLN B 442 10.54 -25.19 24.59
C GLN B 442 9.61 -24.68 23.49
N ARG B 443 8.34 -24.48 23.82
CA ARG B 443 7.41 -23.90 22.86
C ARG B 443 7.11 -22.43 23.12
N ASP B 444 6.71 -21.72 22.07
CA ASP B 444 6.15 -20.36 22.16
C ASP B 444 4.63 -20.43 22.05
N ASP B 445 3.95 -19.34 22.42
CA ASP B 445 2.51 -19.26 22.20
C ASP B 445 2.24 -19.22 20.70
N GLU B 446 1.23 -19.98 20.28
CA GLU B 446 1.00 -20.18 18.85
C GLU B 446 -0.19 -19.39 18.29
N PHE B 447 -1.30 -19.42 19.01
CA PHE B 447 -2.51 -18.68 18.65
C PHE B 447 -2.78 -17.71 19.80
N PHE B 448 -2.81 -16.42 19.49
CA PHE B 448 -2.93 -15.38 20.51
C PHE B 448 -3.31 -14.07 19.84
N VAL B 449 -3.92 -13.20 20.62
CA VAL B 449 -4.15 -11.81 20.24
C VAL B 449 -3.01 -10.89 20.66
N GLU B 450 -2.58 -10.05 19.73
CA GLU B 450 -1.82 -8.85 20.04
C GLU B 450 -2.79 -7.69 19.94
N ALA B 451 -2.80 -6.82 20.96
CA ALA B 451 -3.77 -5.74 20.98
C ALA B 451 -3.16 -4.43 21.43
N ALA B 452 -3.80 -3.33 21.04
CA ALA B 452 -3.37 -2.00 21.44
C ALA B 452 -4.60 -1.12 21.60
N ILE B 453 -4.46 -0.08 22.40
CA ILE B 453 -5.47 0.97 22.45
C ILE B 453 -5.22 1.82 21.21
N ASN B 454 -6.17 1.79 20.27
CA ASN B 454 -6.05 2.51 19.02
C ASN B 454 -6.47 3.97 19.17
N GLN B 455 -7.55 4.17 19.91
CA GLN B 455 -8.07 5.49 20.25
C GLN B 455 -8.88 5.34 21.53
N ALA B 456 -8.74 6.32 22.42
CA ALA B 456 -9.51 6.38 23.65
C ALA B 456 -10.15 7.77 23.75
N SER B 457 -11.34 7.82 24.31
CA SER B 457 -12.00 9.11 24.59
C SER B 457 -12.91 8.91 25.79
N ASP B 458 -13.46 10.03 26.28
CA ASP B 458 -14.37 10.04 27.42
C ASP B 458 -15.60 9.15 27.20
N HIS B 459 -15.90 8.80 25.95
CA HIS B 459 -17.09 7.97 25.69
C HIS B 459 -16.86 6.68 24.88
N PHE B 460 -15.60 6.36 24.59
CA PHE B 460 -15.31 5.07 23.93
C PHE B 460 -13.93 4.47 24.16
N THR B 461 -13.86 3.15 23.93
CA THR B 461 -12.62 2.41 23.78
C THR B 461 -12.50 1.92 22.33
N GLU B 462 -11.40 2.21 21.66
CA GLU B 462 -11.15 1.57 20.37
C GLU B 462 -9.88 0.70 20.42
N ILE B 463 -10.06 -0.58 20.14
CA ILE B 463 -8.96 -1.55 20.16
C ILE B 463 -8.46 -1.89 18.75
N LYS B 464 -7.14 -1.93 18.55
CA LYS B 464 -6.58 -2.61 17.39
C LYS B 464 -6.19 -4.03 17.83
N ALA B 465 -6.73 -5.06 17.18
CA ALA B 465 -6.44 -6.44 17.57
C ALA B 465 -5.96 -7.26 16.38
N LEU B 466 -4.84 -7.94 16.59
CA LEU B 466 -4.29 -8.88 15.60
C LEU B 466 -4.42 -10.29 16.16
N LEU B 467 -5.25 -11.11 15.52
CA LEU B 467 -5.39 -12.52 15.89
C LEU B 467 -4.34 -13.31 15.11
N ASN B 468 -3.36 -13.83 15.85
CA ASN B 468 -2.17 -14.48 15.28
C ASN B 468 -2.23 -15.99 15.18
N ASN B 469 -1.72 -16.52 14.07
CA ASN B 469 -1.36 -17.94 13.95
C ASN B 469 0.14 -18.05 13.62
N ARG B 470 0.94 -18.24 14.66
CA ARG B 470 2.37 -18.51 14.51
C ARG B 470 2.67 -19.94 14.98
N SER B 471 1.76 -20.85 14.65
CA SER B 471 1.92 -22.24 15.06
C SER B 471 3.21 -22.87 14.49
N SER B 472 3.77 -23.79 15.27
CA SER B 472 4.98 -24.48 14.86
C SER B 472 5.17 -25.86 15.49
N TRP B 473 4.30 -26.26 16.41
CA TRP B 473 4.43 -27.55 17.08
C TRP B 473 3.20 -28.47 16.95
N PRO B 474 2.84 -28.90 15.72
CA PRO B 474 3.36 -28.48 14.43
C PRO B 474 2.61 -27.26 13.90
N ALA B 475 3.16 -26.63 12.86
CA ALA B 475 2.41 -25.60 12.18
C ALA B 475 1.07 -26.23 11.80
N ARG B 476 0.00 -25.45 11.90
CA ARG B 476 -1.34 -26.00 11.64
C ARG B 476 -2.36 -24.90 11.43
N LEU B 477 -3.57 -25.32 11.06
CA LEU B 477 -4.66 -24.43 10.72
C LEU B 477 -5.84 -24.68 11.62
N ILE B 478 -6.52 -23.62 12.01
CA ILE B 478 -7.73 -23.71 12.82
C ILE B 478 -8.79 -22.83 12.19
N LYS B 479 -9.89 -23.45 11.78
CA LYS B 479 -10.98 -22.74 11.11
C LYS B 479 -11.85 -21.93 12.07
N ASP B 480 -12.40 -22.57 13.09
CA ASP B 480 -13.35 -21.88 13.97
C ASP B 480 -12.65 -21.09 15.06
N LEU B 481 -11.91 -20.07 14.64
CA LEU B 481 -11.23 -19.16 15.55
C LEU B 481 -12.08 -17.98 16.03
N SER B 482 -11.99 -17.69 17.32
CA SER B 482 -12.58 -16.48 17.87
C SER B 482 -11.75 -15.98 19.05
N TYR B 483 -12.01 -14.74 19.42
CA TYR B 483 -11.52 -14.23 20.68
C TYR B 483 -12.60 -13.36 21.30
N ASN B 484 -12.52 -13.22 22.62
CA ASN B 484 -13.45 -12.38 23.37
C ASN B 484 -12.79 -11.15 23.95
N TYR B 485 -13.58 -10.08 24.05
CA TYR B 485 -13.18 -8.86 24.71
C TYR B 485 -14.13 -8.56 25.87
N TYR B 486 -13.62 -8.60 27.10
CA TYR B 486 -14.43 -8.45 28.34
C TYR B 486 -14.36 -7.05 28.96
N MET B 487 -15.52 -6.55 29.41
CA MET B 487 -15.61 -5.21 30.01
C MET B 487 -16.40 -5.21 31.32
N ASP B 488 -16.14 -4.21 32.17
CA ASP B 488 -16.91 -3.95 33.40
C ASP B 488 -17.65 -2.63 33.20
N LEU B 489 -18.95 -2.72 33.35
CA LEU B 489 -19.85 -1.60 33.05
C LEU B 489 -20.39 -0.90 34.31
N THR B 490 -19.84 -1.24 35.48
CA THR B 490 -20.25 -0.59 36.73
C THR B 490 -20.36 0.95 36.65
N GLU B 491 -19.37 1.62 36.06
CA GLU B 491 -19.41 3.08 35.92
C GLU B 491 -20.63 3.56 35.14
N VAL B 492 -21.13 2.69 34.25
CA VAL B 492 -22.24 3.09 33.38
C VAL B 492 -23.57 3.10 34.13
N PHE B 493 -23.91 2.02 34.82
CA PHE B 493 -25.17 2.01 35.59
C PHE B 493 -25.15 2.99 36.77
N GLU B 494 -23.97 3.18 37.38
CA GLU B 494 -23.79 4.12 38.49
C GLU B 494 -23.98 5.60 38.12
N ALA B 495 -23.73 5.93 36.85
CA ALA B 495 -24.01 7.28 36.35
C ALA B 495 -25.46 7.36 35.86
N GLY B 496 -26.12 6.21 35.80
CA GLY B 496 -27.51 6.13 35.38
C GLY B 496 -27.79 5.57 34.00
N TYR B 497 -26.74 5.17 33.30
CA TYR B 497 -26.92 4.70 31.93
C TYR B 497 -27.00 3.17 31.87
N SER B 498 -27.37 2.62 30.72
CA SER B 498 -27.53 1.18 30.58
C SER B 498 -26.57 0.58 29.54
N VAL B 499 -26.76 -0.71 29.24
CA VAL B 499 -25.95 -1.43 28.27
C VAL B 499 -26.29 -0.93 26.86
N ASP B 500 -27.56 -0.61 26.63
CA ASP B 500 -27.97 -0.21 25.29
C ASP B 500 -27.56 1.21 24.92
N ASP B 501 -26.99 1.91 25.90
CA ASP B 501 -26.29 3.17 25.63
C ASP B 501 -24.92 2.90 24.98
N ILE B 502 -24.62 1.62 24.72
CA ILE B 502 -23.33 1.16 24.19
C ILE B 502 -23.41 0.52 22.78
N LYS B 503 -22.65 1.06 21.82
CA LYS B 503 -22.72 0.66 20.41
C LYS B 503 -21.40 0.01 19.99
N VAL B 504 -21.50 -1.11 19.27
CA VAL B 504 -20.31 -1.79 18.72
C VAL B 504 -20.14 -1.37 17.27
N THR B 505 -18.97 -0.81 16.95
CA THR B 505 -18.65 -0.46 15.57
C THR B 505 -17.27 -0.97 15.15
N ILE B 506 -17.01 -0.93 13.84
CA ILE B 506 -15.71 -1.30 13.30
C ILE B 506 -15.08 -0.12 12.57
N GLY B 507 -13.77 0.04 12.75
CA GLY B 507 -13.01 1.06 12.07
C GLY B 507 -11.98 0.62 11.04
N TYR B 508 -11.75 -0.69 10.99
CA TYR B 508 -10.90 -1.33 10.00
C TYR B 508 -11.11 -2.84 10.10
N CYS B 509 -11.30 -3.47 8.95
CA CYS B 509 -11.45 -4.93 8.86
C CYS B 509 -10.55 -5.33 7.69
N GLU B 510 -9.49 -6.06 7.99
CA GLU B 510 -8.54 -6.47 6.95
C GLU B 510 -9.22 -7.25 5.83
N SER B 511 -8.88 -6.89 4.59
CA SER B 511 -9.46 -7.50 3.40
C SER B 511 -9.17 -9.00 3.39
N GLY B 512 -10.20 -9.78 3.08
CA GLY B 512 -10.05 -11.22 2.92
C GLY B 512 -10.29 -12.05 4.18
N MET B 513 -10.51 -11.37 5.29
CA MET B 513 -10.74 -12.03 6.59
C MET B 513 -12.21 -11.89 6.98
N ASP B 514 -13.04 -12.78 6.45
CA ASP B 514 -14.48 -12.80 6.73
CA ASP B 514 -14.47 -12.74 6.74
C ASP B 514 -14.72 -12.91 8.23
N VAL B 515 -15.34 -11.87 8.80
CA VAL B 515 -15.47 -11.70 10.22
C VAL B 515 -16.89 -11.29 10.64
N GLU B 516 -17.25 -11.68 11.85
CA GLU B 516 -18.47 -11.18 12.48
C GLU B 516 -18.14 -10.90 13.94
N ILE B 517 -18.82 -9.91 14.49
CA ILE B 517 -18.72 -9.58 15.90
C ILE B 517 -20.11 -9.84 16.48
N SER B 518 -20.19 -10.60 17.55
CA SER B 518 -21.46 -10.86 18.21
C SER B 518 -22.05 -9.62 18.86
N PRO B 519 -23.35 -9.64 19.22
CA PRO B 519 -23.79 -8.54 20.07
C PRO B 519 -23.12 -8.58 21.45
N ILE B 520 -23.15 -7.47 22.18
CA ILE B 520 -22.65 -7.41 23.56
C ILE B 520 -23.35 -8.42 24.46
N THR B 521 -22.58 -9.08 25.32
CA THR B 521 -23.08 -10.20 26.11
C THR B 521 -22.70 -10.14 27.60
N HIS B 522 -23.70 -10.40 28.44
CA HIS B 522 -23.49 -10.56 29.88
C HIS B 522 -22.75 -11.86 30.18
N LEU B 523 -21.73 -11.75 31.03
CA LEU B 523 -21.05 -12.93 31.54
C LEU B 523 -21.64 -13.27 32.92
N TYR B 524 -21.34 -12.42 33.90
CA TYR B 524 -21.91 -12.49 35.24
C TYR B 524 -21.76 -11.11 35.87
N ASP B 525 -22.56 -10.80 36.90
CA ASP B 525 -22.53 -9.47 37.53
C ASP B 525 -22.56 -8.32 36.52
N ASN B 526 -21.66 -7.34 36.68
CA ASN B 526 -21.53 -6.24 35.74
C ASN B 526 -20.46 -6.50 34.66
N ILE B 527 -20.15 -7.77 34.43
CA ILE B 527 -19.13 -8.21 33.47
C ILE B 527 -19.76 -8.66 32.15
N TYR B 528 -19.32 -8.03 31.06
CA TYR B 528 -19.88 -8.24 29.74
C TYR B 528 -18.75 -8.43 28.73
N TYR B 529 -19.06 -8.99 27.56
CA TYR B 529 -18.07 -9.15 26.50
C TYR B 529 -18.64 -9.15 25.07
N ILE B 530 -17.77 -9.05 24.08
CA ILE B 530 -18.12 -9.32 22.68
C ILE B 530 -17.21 -10.43 22.14
N LYS B 531 -17.71 -11.19 21.16
CA LYS B 531 -16.88 -12.20 20.51
C LYS B 531 -16.63 -11.86 19.05
N ILE B 532 -15.35 -11.87 18.66
CA ILE B 532 -14.94 -11.63 17.29
C ILE B 532 -14.65 -13.01 16.71
N SER B 533 -15.34 -13.38 15.64
CA SER B 533 -15.24 -14.71 15.05
C SER B 533 -14.85 -14.65 13.58
N TYR B 534 -13.80 -15.37 13.19
CA TYR B 534 -13.42 -15.49 11.79
C TYR B 534 -14.09 -16.72 11.20
N ILE B 535 -14.81 -16.53 10.10
CA ILE B 535 -15.61 -17.60 9.52
C ILE B 535 -14.74 -18.69 8.89
N ASP B 536 -13.68 -18.27 8.20
CA ASP B 536 -12.63 -19.18 7.78
C ASP B 536 -11.28 -18.79 8.37
N GLY B 537 -11.11 -19.14 9.65
CA GLY B 537 -9.87 -18.94 10.40
C GLY B 537 -8.65 -19.57 9.74
N THR B 538 -8.80 -20.51 8.82
CA THR B 538 -7.62 -21.11 8.19
C THR B 538 -6.86 -20.10 7.33
N ASN B 539 -7.51 -18.97 7.03
CA ASN B 539 -6.85 -17.91 6.27
C ASN B 539 -5.92 -17.11 7.16
N ILE B 540 -5.97 -17.36 8.47
CA ILE B 540 -4.93 -16.85 9.37
C ILE B 540 -3.89 -17.96 9.47
N CYS B 541 -2.72 -17.77 8.87
CA CYS B 541 -1.77 -18.87 8.76
C CYS B 541 -0.35 -18.34 8.58
N PRO B 542 0.66 -19.11 9.04
CA PRO B 542 2.04 -18.58 9.09
C PRO B 542 2.75 -18.72 7.73
N ILE B 543 2.19 -18.03 6.74
CA ILE B 543 2.68 -18.13 5.37
C ILE B 543 3.27 -16.82 4.80
N GLY B 544 3.19 -15.73 5.56
CA GLY B 544 3.71 -14.48 5.04
C GLY B 544 3.29 -13.32 5.92
N GLN B 545 3.78 -12.15 5.53
CA GLN B 545 3.57 -10.92 6.30
C GLN B 545 2.09 -10.56 6.51
N GLU B 546 1.27 -10.78 5.49
CA GLU B 546 -0.15 -10.40 5.56
C GLU B 546 -1.02 -11.44 6.25
N GLN B 547 -0.66 -12.69 6.09
CA GLN B 547 -1.50 -13.79 6.51
C GLN B 547 -1.38 -14.24 7.96
N TYR B 548 -0.25 -13.99 8.63
CA TYR B 548 -0.07 -14.64 9.94
C TYR B 548 -0.98 -14.08 11.02
N ALA B 549 -1.51 -12.87 10.79
CA ALA B 549 -2.47 -12.31 11.72
C ALA B 549 -3.56 -11.57 10.96
N ALA B 550 -4.76 -11.61 11.50
CA ALA B 550 -5.88 -10.82 10.98
C ALA B 550 -6.08 -9.59 11.85
N GLU B 551 -6.12 -8.42 11.23
CA GLU B 551 -6.30 -7.18 11.97
C GLU B 551 -7.73 -6.66 11.93
N LEU B 552 -8.24 -6.35 13.11
CA LEU B 552 -9.52 -5.68 13.27
C LEU B 552 -9.38 -4.49 14.21
N GLN B 553 -9.99 -3.38 13.85
CA GLN B 553 -10.13 -2.27 14.79
C GLN B 553 -11.60 -2.19 15.15
N PHE B 554 -11.90 -2.35 16.43
CA PHE B 554 -13.26 -2.27 16.91
C PHE B 554 -13.40 -1.24 18.01
N ARG B 555 -14.59 -0.63 18.06
CA ARG B 555 -14.88 0.44 19.01
C ARG B 555 -16.14 0.08 19.79
N ILE B 556 -16.05 0.28 21.10
CA ILE B 556 -17.19 0.02 21.98
C ILE B 556 -17.50 1.38 22.57
N ALA B 557 -18.73 1.85 22.31
CA ALA B 557 -19.05 3.25 22.53
C ALA B 557 -20.33 3.50 23.31
N ALA B 558 -20.17 4.33 24.33
CA ALA B 558 -21.27 4.97 25.03
C ALA B 558 -21.82 6.10 24.14
N PRO B 559 -22.93 6.75 24.53
CA PRO B 559 -23.40 7.85 23.69
C PRO B 559 -22.42 9.03 23.69
N GLN B 560 -22.30 9.71 22.54
CA GLN B 560 -21.35 10.81 22.38
C GLN B 560 -21.54 11.94 23.41
N GLY B 561 -20.44 12.53 23.85
CA GLY B 561 -20.48 13.69 24.73
C GLY B 561 -20.36 13.42 26.22
N THR B 562 -20.80 12.23 26.64
CA THR B 562 -20.75 11.81 28.05
C THR B 562 -19.31 11.61 28.54
N LYS B 563 -19.14 11.53 29.86
CA LYS B 563 -17.80 11.50 30.43
C LYS B 563 -17.56 10.41 31.49
N PHE B 564 -18.47 9.46 31.60
CA PHE B 564 -18.42 8.44 32.64
C PHE B 564 -17.64 7.16 32.30
N TRP B 565 -17.52 6.86 31.01
CA TRP B 565 -16.84 5.64 30.54
C TRP B 565 -15.50 5.46 31.25
N ASP B 566 -15.25 4.25 31.75
CA ASP B 566 -14.04 4.01 32.54
C ASP B 566 -13.43 2.67 32.14
N PRO B 567 -12.51 2.66 31.16
CA PRO B 567 -12.00 1.38 30.71
C PRO B 567 -11.08 0.68 31.72
N THR B 568 -10.66 1.40 32.75
CA THR B 568 -9.63 0.92 33.69
C THR B 568 -10.06 -0.24 34.59
N ASN B 569 -11.32 -0.64 34.50
CA ASN B 569 -11.83 -1.80 35.23
C ASN B 569 -12.39 -2.90 34.31
N ASP B 570 -12.11 -2.78 33.02
CA ASP B 570 -12.49 -3.79 32.03
C ASP B 570 -11.41 -4.88 32.00
N PHE B 571 -11.85 -6.14 32.02
CA PHE B 571 -10.93 -7.29 32.08
C PHE B 571 -9.99 -7.34 30.90
N SER B 572 -10.52 -7.13 29.70
CA SER B 572 -9.71 -7.27 28.47
C SER B 572 -8.89 -6.03 28.17
N TYR B 573 -9.07 -4.96 28.95
CA TYR B 573 -8.32 -3.72 28.81
C TYR B 573 -7.01 -3.77 29.60
N GLN B 574 -6.90 -4.74 30.51
CA GLN B 574 -5.75 -4.84 31.41
C GLN B 574 -4.39 -4.86 30.72
N GLY B 575 -3.52 -3.93 31.09
CA GLY B 575 -2.15 -3.91 30.58
C GLY B 575 -1.98 -3.34 29.18
N LEU B 576 -3.10 -3.08 28.50
CA LEU B 576 -3.02 -2.56 27.12
C LEU B 576 -2.37 -1.19 27.09
N THR B 577 -1.56 -0.97 26.06
CA THR B 577 -0.90 0.30 25.81
C THR B 577 -1.29 0.75 24.41
N ARG B 578 -0.65 1.82 23.93
CA ARG B 578 -0.87 2.29 22.57
C ARG B 578 0.06 1.58 21.58
N GLU B 579 0.79 0.58 22.05
CA GLU B 579 1.66 -0.26 21.21
C GLU B 579 1.14 -1.70 21.22
N LEU B 580 1.11 -2.33 20.05
CA LEU B 580 0.66 -3.72 19.94
C LEU B 580 1.49 -4.62 20.83
N ALA B 581 0.83 -5.47 21.61
CA ALA B 581 1.50 -6.45 22.44
C ALA B 581 0.56 -7.63 22.64
N LYS B 582 1.16 -8.81 22.74
CA LYS B 582 0.44 -10.02 23.16
C LYS B 582 -0.32 -9.75 24.45
N THR B 583 -1.58 -10.16 24.51
CA THR B 583 -2.36 -10.11 25.74
C THR B 583 -3.07 -11.42 25.99
N LYS B 584 -3.01 -11.87 27.24
CA LYS B 584 -3.71 -13.08 27.66
C LYS B 584 -5.17 -12.83 28.05
N TYR B 585 -5.56 -11.56 28.12
CA TYR B 585 -6.90 -11.17 28.56
C TYR B 585 -7.95 -11.03 27.46
N MET B 586 -7.52 -11.28 26.24
CA MET B 586 -8.43 -11.46 25.11
C MET B 586 -8.26 -12.90 24.64
N PRO B 587 -8.84 -13.86 25.39
CA PRO B 587 -8.58 -15.26 25.09
C PRO B 587 -9.04 -15.74 23.72
N VAL B 588 -8.35 -16.75 23.19
CA VAL B 588 -8.61 -17.28 21.87
C VAL B 588 -9.26 -18.65 22.00
N PHE B 589 -10.23 -18.93 21.13
CA PHE B 589 -10.97 -20.18 21.16
C PHE B 589 -10.94 -20.88 19.81
N ASP B 590 -10.87 -22.20 19.87
CA ASP B 590 -11.08 -23.08 18.74
C ASP B 590 -12.45 -23.74 18.97
N GLY B 591 -13.45 -23.33 18.20
CA GLY B 591 -14.82 -23.73 18.51
C GLY B 591 -15.11 -23.19 19.90
N ALA B 592 -15.66 -24.04 20.77
CA ALA B 592 -15.92 -23.67 22.16
C ALA B 592 -14.74 -23.82 23.14
N THR B 593 -13.63 -24.37 22.67
CA THR B 593 -12.51 -24.66 23.56
C THR B 593 -11.51 -23.50 23.59
N LYS B 594 -11.25 -22.96 24.77
CA LYS B 594 -10.15 -22.00 24.94
C LYS B 594 -8.80 -22.64 24.66
N ILE B 595 -8.01 -21.98 23.80
CA ILE B 595 -6.67 -22.47 23.47
C ILE B 595 -5.58 -21.52 23.97
N PHE B 596 -5.96 -20.30 24.32
CA PHE B 596 -5.03 -19.33 24.88
C PHE B 596 -5.71 -18.27 25.74
N GLY B 597 -5.09 -17.94 26.86
CA GLY B 597 -5.46 -16.77 27.65
C GLY B 597 -6.31 -17.10 28.86
N GLU B 598 -6.99 -16.09 29.38
CA GLU B 598 -7.77 -16.22 30.61
C GLU B 598 -9.12 -15.54 30.48
N VAL B 599 -10.06 -15.99 31.30
CA VAL B 599 -11.44 -15.51 31.32
C VAL B 599 -11.72 -14.93 32.72
N PRO B 600 -12.58 -13.91 32.82
CA PRO B 600 -12.95 -13.40 34.14
C PRO B 600 -13.53 -14.49 35.04
N GLY B 601 -13.09 -14.53 36.29
CA GLY B 601 -13.51 -15.55 37.25
C GLY B 601 -12.82 -16.90 37.11
N GLY B 602 -12.12 -17.12 36.00
CA GLY B 602 -11.41 -18.37 35.76
C GLY B 602 -12.30 -19.52 35.30
CA CA C . 4.62 48.82 -3.18
CA CA D . -34.27 -13.30 -2.12
CL CL E . -2.22 56.16 -29.50
CL CL F . -15.42 13.59 -15.75
CL CL G . -38.71 5.79 -3.42
CL CL H . -32.01 -25.91 0.77
C TRS I . 0.01 34.27 -7.46
C1 TRS I . -1.42 34.32 -7.98
C2 TRS I . 0.06 34.08 -5.93
C3 TRS I . 0.68 35.57 -7.90
N TRS I . 0.73 33.13 -8.05
O1 TRS I . -1.44 34.02 -9.36
O2 TRS I . -0.52 32.86 -5.52
O3 TRS I . 2.08 35.44 -7.82
CA CA J . 22.99 -41.61 -14.00
CA CA K . -15.45 0.07 32.62
CL CL L . 5.70 -40.84 -20.44
CL CL M . 46.19 -43.35 1.95
CL CL N . 13.47 -13.41 16.38
CL CL O . -9.18 -18.82 32.75
C TRS P . 19.54 -28.84 -5.09
C1 TRS P . 19.58 -29.20 -3.61
C2 TRS P . 18.19 -29.20 -5.71
C3 TRS P . 20.62 -29.64 -5.82
N TRS P . 19.84 -27.42 -5.30
O1 TRS P . 20.60 -28.48 -2.93
O2 TRS P . 17.10 -28.49 -5.16
O3 TRS P . 20.76 -29.18 -7.16
#